data_9B3B
#
_entry.id   9B3B
#
_cell.length_a   50.023
_cell.length_b   104.748
_cell.length_c   193.241
_cell.angle_alpha   90.00
_cell.angle_beta   90.00
_cell.angle_gamma   90.00
#
_symmetry.space_group_name_H-M   'P 21 21 21'
#
loop_
_entity.id
_entity.type
_entity.pdbx_description
1 polymer 'Tyrosyl-DNA phosphodiesterase 1'
2 non-polymer '(8M)-8-{4-(benzylcarbamoyl)-2-[(fluorosulfonyl)oxy]phenyl}-4-oxo-1,4-dihydroquinoline-3-carboxylic acid'
3 non-polymer 1,2-ETHANEDIOL
4 non-polymer 'DIMETHYL SULFOXIDE'
5 water water
#
_entity_poly.entity_id   1
_entity_poly.type   'polypeptide(L)'
_entity_poly.pdbx_seq_one_letter_code
;SGEGQDIWDMLDKGNPFQFYLTRVSGVKPKYNSGALHIKDILSPLFGTLVSSAQFNYCFDVDWLVKQYPPEFRKKPILLV
HGDKREAKAHLHAQAKPYENISLCQAKLDIAFGTHHTKMMLLLYEEGLRVVIHTSNLIHADWHQKTQGIWLSPLYPRIAD
GTHKSGESPTHFKADLISYLMAYNAPSLKEWIDVIHKHDLSETNVYLIGSTPGRFQGSQKDNWGHFRLKKLLKDHASSMP
NAESWPVVGQFSSVGSLGADESKWLCSEFKESMLTLGKESKTPGKSSVPLYLIYPSVENVRTSLEGYPAGGSLPYSIQTA
EKQNWLHSYFHKWSAETSGRSNAMPHIKTYMRPSPDFSKIAWFLVTSANLSKAAWGALEKNGTQLMIRSYELGVLFLPSA
FGLDSFKVKQKFFAGSQEPMATFPVPYDLPPELYGSKDRPWIWNIPYVKAPDTHGNMWVPS
;
_entity_poly.pdbx_strand_id   A,B
#
# COMPACT_ATOMS: atom_id res chain seq x y z
N ASN A 15 -3.05 9.47 -21.64
CA ASN A 15 -4.09 9.04 -20.71
C ASN A 15 -3.52 8.19 -19.60
N PRO A 16 -4.14 8.24 -18.43
CA PRO A 16 -3.52 7.52 -17.31
C PRO A 16 -3.77 6.03 -17.35
N PHE A 17 -4.72 5.53 -18.18
CA PHE A 17 -5.08 4.14 -17.95
C PHE A 17 -4.21 3.15 -18.71
N GLN A 18 -3.77 3.52 -19.91
CA GLN A 18 -2.91 2.64 -20.74
C GLN A 18 -3.56 1.28 -20.96
N PHE A 19 -4.88 1.32 -21.21
CA PHE A 19 -5.66 0.14 -21.55
C PHE A 19 -5.97 0.24 -23.05
N TYR A 20 -5.56 -0.78 -23.80
CA TYR A 20 -5.70 -0.78 -25.25
C TYR A 20 -6.43 -2.02 -25.71
N LEU A 21 -6.98 -1.92 -26.91
CA LEU A 21 -7.45 -3.09 -27.64
C LEU A 21 -6.42 -3.47 -28.70
N THR A 22 -6.45 -4.72 -29.10
CA THR A 22 -5.62 -5.12 -30.26
C THR A 22 -6.27 -4.60 -31.56
N ARG A 23 -5.42 -4.43 -32.58
CA ARG A 23 -5.89 -4.06 -33.94
C ARG A 23 -6.78 -5.14 -34.53
N VAL A 24 -7.83 -4.70 -35.21
CA VAL A 24 -8.77 -5.61 -35.89
C VAL A 24 -8.70 -5.38 -37.38
N SER A 25 -8.35 -6.43 -38.12
N SER A 25 -8.34 -6.43 -38.12
CA SER A 25 -8.25 -6.30 -39.56
CA SER A 25 -8.26 -6.30 -39.56
C SER A 25 -9.64 -6.20 -40.21
C SER A 25 -9.65 -6.18 -40.17
N GLY A 26 -9.87 -5.11 -40.93
CA GLY A 26 -11.12 -4.93 -41.65
C GLY A 26 -12.04 -3.87 -41.07
N VAL A 27 -11.79 -3.36 -39.88
CA VAL A 27 -12.57 -2.20 -39.44
C VAL A 27 -11.95 -0.92 -39.98
N LYS A 28 -12.75 0.16 -39.99
CA LYS A 28 -12.27 1.43 -40.52
C LYS A 28 -11.10 1.92 -39.66
N PRO A 29 -10.19 2.71 -40.25
CA PRO A 29 -8.98 3.13 -39.50
C PRO A 29 -9.27 3.87 -38.21
N LYS A 30 -10.39 4.61 -38.12
CA LYS A 30 -10.69 5.30 -36.87
C LYS A 30 -10.87 4.34 -35.69
N TYR A 31 -11.20 3.07 -35.94
CA TYR A 31 -11.32 2.04 -34.91
C TYR A 31 -10.03 1.29 -34.66
N ASN A 32 -8.96 1.56 -35.44
CA ASN A 32 -7.66 1.03 -35.07
C ASN A 32 -6.67 2.09 -34.64
N SER A 33 -7.03 3.35 -34.72
CA SER A 33 -6.12 4.41 -34.32
C SER A 33 -6.10 4.41 -32.80
N GLY A 34 -4.98 4.11 -32.23
CA GLY A 34 -4.98 3.89 -30.81
C GLY A 34 -5.16 2.44 -30.40
N ALA A 35 -5.32 1.52 -31.33
CA ALA A 35 -5.20 0.09 -31.03
C ALA A 35 -3.75 -0.34 -31.23
N LEU A 36 -3.37 -1.48 -30.66
CA LEU A 36 -1.98 -1.99 -30.73
C LEU A 36 -1.96 -3.38 -31.34
N HIS A 37 -1.11 -3.57 -32.34
CA HIS A 37 -0.77 -4.92 -32.75
C HIS A 37 0.47 -5.37 -31.99
N ILE A 38 0.70 -6.70 -31.97
CA ILE A 38 1.92 -7.21 -31.30
C ILE A 38 3.19 -6.61 -31.91
N LYS A 39 3.23 -6.42 -33.25
CA LYS A 39 4.41 -5.78 -33.82
C LYS A 39 4.65 -4.38 -33.27
N ASP A 40 3.58 -3.63 -32.95
CA ASP A 40 3.77 -2.33 -32.30
C ASP A 40 4.35 -2.47 -30.89
N ILE A 41 3.83 -3.42 -30.10
CA ILE A 41 4.33 -3.60 -28.74
C ILE A 41 5.83 -3.91 -28.73
N LEU A 42 6.31 -4.72 -29.69
CA LEU A 42 7.70 -5.20 -29.70
C LEU A 42 8.61 -4.26 -30.49
N SER A 43 8.06 -3.16 -31.03
N SER A 43 8.07 -3.20 -31.06
CA SER A 43 8.80 -2.27 -31.90
CA SER A 43 8.86 -2.37 -31.95
C SER A 43 9.98 -1.59 -31.16
C SER A 43 9.94 -1.60 -31.19
N PRO A 44 11.03 -1.19 -31.89
N PRO A 44 11.02 -1.22 -31.86
CA PRO A 44 12.12 -0.44 -31.22
CA PRO A 44 12.11 -0.48 -31.16
C PRO A 44 11.65 0.85 -30.60
C PRO A 44 11.65 0.86 -30.59
N LEU A 45 10.53 1.41 -31.06
CA LEU A 45 10.00 2.62 -30.45
C LEU A 45 9.62 2.44 -28.98
N PHE A 46 9.27 1.21 -28.57
CA PHE A 46 8.90 0.96 -27.20
C PHE A 46 10.12 0.71 -26.33
N GLY A 47 11.26 0.46 -26.95
CA GLY A 47 12.49 0.24 -26.19
C GLY A 47 13.43 -0.67 -26.96
N THR A 48 14.71 -0.66 -26.53
CA THR A 48 15.75 -1.43 -27.20
C THR A 48 15.84 -2.78 -26.49
N LEU A 49 15.26 -3.81 -27.07
CA LEU A 49 15.12 -5.10 -26.38
C LEU A 49 16.46 -5.80 -26.14
N VAL A 50 16.64 -6.21 -24.88
N VAL A 50 16.66 -6.31 -24.93
CA VAL A 50 17.72 -7.06 -24.42
CA VAL A 50 17.76 -7.23 -24.66
C VAL A 50 17.29 -8.52 -24.36
C VAL A 50 17.28 -8.63 -24.25
N SER A 51 16.14 -8.78 -23.74
N SER A 51 16.08 -8.78 -23.68
CA SER A 51 15.56 -10.11 -23.56
CA SER A 51 15.58 -10.10 -23.31
C SER A 51 14.07 -9.97 -23.21
C SER A 51 14.08 -9.98 -23.05
N SER A 52 13.36 -11.07 -23.32
CA SER A 52 11.93 -11.04 -23.06
C SER A 52 11.42 -12.37 -22.52
N ALA A 53 10.32 -12.32 -21.79
CA ALA A 53 9.60 -13.52 -21.36
C ALA A 53 8.17 -13.45 -21.84
N GLN A 54 7.69 -14.53 -22.45
CA GLN A 54 6.31 -14.59 -22.98
C GLN A 54 5.57 -15.66 -22.19
N PHE A 55 4.67 -15.23 -21.28
CA PHE A 55 3.80 -16.13 -20.53
C PHE A 55 2.54 -16.31 -21.35
N ASN A 56 2.15 -17.55 -21.67
CA ASN A 56 0.93 -17.68 -22.43
C ASN A 56 0.37 -19.10 -22.25
N TYR A 57 -0.69 -19.36 -23.01
CA TYR A 57 -1.27 -20.69 -23.06
C TYR A 57 -0.89 -21.39 -24.36
N CYS A 58 -1.23 -20.76 -25.51
N CYS A 58 -1.25 -20.78 -25.50
CA CYS A 58 -0.97 -21.31 -26.84
CA CYS A 58 -0.91 -21.32 -26.81
C CYS A 58 0.06 -20.47 -27.61
C CYS A 58 0.15 -20.47 -27.50
N PHE A 59 1.01 -21.16 -28.27
CA PHE A 59 2.13 -20.52 -28.99
C PHE A 59 2.24 -21.06 -30.41
N ASP A 60 2.46 -20.16 -31.35
CA ASP A 60 2.96 -20.48 -32.68
C ASP A 60 4.32 -19.82 -32.74
N VAL A 61 5.36 -20.65 -32.52
CA VAL A 61 6.68 -20.06 -32.30
C VAL A 61 7.19 -19.41 -33.59
N ASP A 62 6.97 -20.05 -34.77
CA ASP A 62 7.45 -19.43 -36.00
C ASP A 62 6.82 -18.04 -36.17
N TRP A 63 5.50 -17.95 -35.93
CA TRP A 63 4.78 -16.69 -36.03
C TRP A 63 5.32 -15.70 -34.97
N LEU A 64 5.54 -16.16 -33.75
CA LEU A 64 5.90 -15.22 -32.69
C LEU A 64 7.24 -14.56 -32.99
N VAL A 65 8.25 -15.35 -33.43
CA VAL A 65 9.55 -14.75 -33.68
C VAL A 65 9.44 -13.69 -34.77
N LYS A 66 8.60 -13.93 -35.78
CA LYS A 66 8.40 -12.96 -36.84
C LYS A 66 7.75 -11.64 -36.37
N GLN A 67 7.12 -11.63 -35.17
CA GLN A 67 6.54 -10.39 -34.66
C GLN A 67 7.58 -9.47 -34.02
N TYR A 68 8.72 -10.01 -33.68
CA TYR A 68 9.81 -9.20 -33.14
C TYR A 68 10.49 -8.48 -34.30
N PRO A 69 10.98 -7.27 -34.07
CA PRO A 69 11.74 -6.56 -35.10
C PRO A 69 12.91 -7.42 -35.56
N PRO A 70 13.27 -7.37 -36.84
CA PRO A 70 14.36 -8.23 -37.30
C PRO A 70 15.64 -8.11 -36.45
N GLU A 71 16.01 -6.89 -36.04
CA GLU A 71 17.21 -6.65 -35.26
C GLU A 71 17.15 -7.26 -33.84
N PHE A 72 15.95 -7.63 -33.38
CA PHE A 72 15.78 -8.18 -32.02
C PHE A 72 15.47 -9.67 -32.03
N ARG A 73 15.48 -10.34 -33.21
CA ARG A 73 14.95 -11.70 -33.26
C ARG A 73 15.88 -12.74 -32.66
N LYS A 74 17.14 -12.42 -32.41
CA LYS A 74 18.07 -13.33 -31.78
C LYS A 74 18.26 -13.05 -30.30
N LYS A 75 17.57 -12.04 -29.74
CA LYS A 75 17.65 -11.81 -28.30
C LYS A 75 17.00 -12.97 -27.56
N PRO A 76 17.48 -13.29 -26.35
CA PRO A 76 16.86 -14.39 -25.58
C PRO A 76 15.36 -14.17 -25.37
N ILE A 77 14.60 -15.26 -25.54
CA ILE A 77 13.14 -15.28 -25.32
C ILE A 77 12.87 -16.49 -24.43
N LEU A 78 12.11 -16.30 -23.37
CA LEU A 78 11.70 -17.38 -22.47
C LEU A 78 10.22 -17.60 -22.70
N LEU A 79 9.79 -18.81 -23.05
CA LEU A 79 8.34 -19.09 -23.18
C LEU A 79 7.89 -19.81 -21.88
N VAL A 80 6.92 -19.23 -21.17
CA VAL A 80 6.40 -19.81 -19.94
C VAL A 80 5.03 -20.43 -20.26
N HIS A 81 4.91 -21.74 -20.12
CA HIS A 81 3.73 -22.44 -20.59
C HIS A 81 3.35 -23.50 -19.57
N GLY A 82 2.25 -24.21 -19.80
CA GLY A 82 1.86 -25.28 -18.90
C GLY A 82 1.73 -26.62 -19.56
N ASP A 83 2.28 -26.80 -20.76
CA ASP A 83 2.04 -28.04 -21.50
C ASP A 83 2.79 -29.24 -20.90
N LYS A 84 2.20 -30.42 -21.00
CA LYS A 84 2.75 -31.67 -20.54
C LYS A 84 2.83 -32.70 -21.66
N ARG A 85 3.65 -33.74 -21.43
CA ARG A 85 3.58 -34.97 -22.24
C ARG A 85 3.73 -34.63 -23.73
N GLU A 86 2.85 -35.13 -24.63
CA GLU A 86 3.05 -34.90 -26.05
C GLU A 86 2.93 -33.43 -26.42
N ALA A 87 2.03 -32.66 -25.75
CA ALA A 87 1.93 -31.23 -25.99
C ALA A 87 3.24 -30.52 -25.65
N LYS A 88 3.86 -30.89 -24.54
CA LYS A 88 5.16 -30.30 -24.19
C LYS A 88 6.19 -30.62 -25.26
N ALA A 89 6.23 -31.88 -25.71
CA ALA A 89 7.19 -32.24 -26.76
C ALA A 89 6.96 -31.42 -28.03
N HIS A 90 5.68 -31.21 -28.38
CA HIS A 90 5.35 -30.42 -29.57
C HIS A 90 5.89 -28.99 -29.47
N LEU A 91 5.74 -28.35 -28.28
CA LEU A 91 6.21 -26.98 -28.11
C LEU A 91 7.72 -26.93 -28.18
N HIS A 92 8.38 -27.89 -27.53
CA HIS A 92 9.83 -27.97 -27.64
C HIS A 92 10.28 -28.12 -29.09
N ALA A 93 9.56 -28.94 -29.87
CA ALA A 93 9.96 -29.08 -31.26
C ALA A 93 9.76 -27.79 -32.07
N GLN A 94 8.73 -26.99 -31.74
CA GLN A 94 8.52 -25.70 -32.38
C GLN A 94 9.69 -24.75 -32.11
N ALA A 95 10.25 -24.82 -30.91
CA ALA A 95 11.25 -23.85 -30.51
C ALA A 95 12.66 -24.29 -30.90
N LYS A 96 12.84 -25.58 -31.19
CA LYS A 96 14.18 -26.14 -31.45
C LYS A 96 14.97 -25.38 -32.51
N PRO A 97 14.39 -24.89 -33.60
CA PRO A 97 15.19 -24.14 -34.60
C PRO A 97 15.79 -22.84 -34.08
N TYR A 98 15.31 -22.32 -32.96
CA TYR A 98 15.67 -20.99 -32.46
C TYR A 98 16.52 -21.19 -31.22
N GLU A 99 17.84 -21.04 -31.38
CA GLU A 99 18.78 -21.29 -30.29
C GLU A 99 18.60 -20.31 -29.14
N ASN A 100 17.98 -19.15 -29.39
CA ASN A 100 17.80 -18.16 -28.37
C ASN A 100 16.54 -18.39 -27.51
N ILE A 101 15.72 -19.41 -27.79
CA ILE A 101 14.48 -19.64 -27.06
C ILE A 101 14.67 -20.72 -26.00
N SER A 102 14.32 -20.37 -24.75
N SER A 102 14.31 -20.39 -24.75
CA SER A 102 14.25 -21.24 -23.58
CA SER A 102 14.25 -21.35 -23.66
C SER A 102 12.78 -21.41 -23.18
C SER A 102 12.82 -21.39 -23.12
N LEU A 103 12.50 -22.52 -22.49
CA LEU A 103 11.14 -22.80 -22.06
C LEU A 103 11.13 -23.03 -20.56
N CYS A 104 10.02 -22.64 -19.94
CA CYS A 104 9.78 -22.86 -18.52
C CYS A 104 8.39 -23.49 -18.45
N GLN A 105 8.34 -24.75 -17.94
CA GLN A 105 7.07 -25.45 -17.76
C GLN A 105 6.54 -25.13 -16.37
N ALA A 106 5.43 -24.39 -16.34
CA ALA A 106 4.81 -24.05 -15.07
C ALA A 106 4.19 -25.30 -14.46
N LYS A 107 4.42 -25.52 -13.17
CA LYS A 107 3.86 -26.71 -12.52
C LYS A 107 2.34 -26.60 -12.37
N LEU A 108 1.64 -27.70 -12.62
CA LEU A 108 0.18 -27.72 -12.59
C LEU A 108 -0.16 -28.97 -11.79
N ASP A 109 -0.08 -28.86 -10.47
CA ASP A 109 -0.15 -30.07 -9.65
C ASP A 109 -1.57 -30.37 -9.20
N ILE A 110 -2.53 -29.51 -9.54
CA ILE A 110 -3.94 -29.82 -9.38
C ILE A 110 -4.56 -30.19 -10.74
N ALA A 111 -5.37 -31.25 -10.76
CA ALA A 111 -6.01 -31.72 -11.98
C ALA A 111 -6.88 -30.63 -12.60
N PHE A 112 -6.96 -30.66 -13.93
CA PHE A 112 -7.78 -29.78 -14.74
C PHE A 112 -7.37 -28.33 -14.64
N GLY A 113 -6.14 -28.06 -14.25
CA GLY A 113 -5.66 -26.70 -14.28
C GLY A 113 -4.88 -26.42 -15.56
N THR A 114 -4.73 -25.14 -15.85
N THR A 114 -4.76 -25.14 -15.90
CA THR A 114 -4.05 -24.67 -17.04
CA THR A 114 -4.00 -24.71 -17.05
C THR A 114 -3.17 -23.49 -16.69
C THR A 114 -3.24 -23.43 -16.76
N HIS A 115 -2.19 -23.20 -17.55
CA HIS A 115 -1.44 -21.96 -17.47
C HIS A 115 -2.07 -20.98 -18.47
N HIS A 116 -2.97 -20.15 -17.97
CA HIS A 116 -3.72 -19.24 -18.88
C HIS A 116 -3.17 -17.82 -18.90
N THR A 117 -2.32 -17.45 -17.95
CA THR A 117 -1.77 -16.09 -17.86
C THR A 117 -1.10 -15.64 -19.17
N LYS A 118 -1.40 -14.40 -19.60
CA LYS A 118 -0.85 -13.81 -20.82
C LYS A 118 -0.12 -12.55 -20.38
N MET A 119 1.22 -12.63 -20.41
CA MET A 119 2.01 -11.49 -19.95
C MET A 119 3.33 -11.47 -20.74
N MET A 120 3.81 -10.27 -21.04
CA MET A 120 5.17 -10.11 -21.58
C MET A 120 6.01 -9.35 -20.58
N LEU A 121 7.19 -9.87 -20.31
CA LEU A 121 8.19 -9.09 -19.56
C LEU A 121 9.25 -8.69 -20.59
N LEU A 122 9.45 -7.38 -20.75
CA LEU A 122 10.30 -6.84 -21.83
C LEU A 122 11.45 -6.05 -21.18
N LEU A 123 12.64 -6.61 -21.20
CA LEU A 123 13.83 -5.93 -20.65
C LEU A 123 14.55 -5.18 -21.77
N TYR A 124 14.78 -3.92 -21.54
CA TYR A 124 15.39 -3.04 -22.54
C TYR A 124 16.67 -2.47 -21.99
N GLU A 125 17.46 -1.91 -22.91
CA GLU A 125 18.60 -1.12 -22.50
C GLU A 125 18.16 0.04 -21.59
N GLU A 126 16.97 0.58 -21.81
CA GLU A 126 16.49 1.78 -21.15
C GLU A 126 15.65 1.50 -19.90
N GLY A 127 15.29 0.24 -19.66
CA GLY A 127 14.41 -0.01 -18.50
C GLY A 127 13.70 -1.33 -18.69
N LEU A 128 12.53 -1.44 -18.05
CA LEU A 128 11.71 -2.64 -18.08
C LEU A 128 10.26 -2.29 -18.38
N ARG A 129 9.57 -3.13 -19.15
CA ARG A 129 8.11 -2.97 -19.27
C ARG A 129 7.42 -4.30 -19.01
N VAL A 130 6.22 -4.21 -18.48
CA VAL A 130 5.34 -5.34 -18.23
C VAL A 130 4.09 -5.13 -19.04
N VAL A 131 3.66 -6.15 -19.78
CA VAL A 131 2.45 -6.08 -20.62
C VAL A 131 1.55 -7.19 -20.15
N ILE A 132 0.36 -6.87 -19.67
CA ILE A 132 -0.54 -7.94 -19.23
C ILE A 132 -1.73 -7.88 -20.17
N HIS A 133 -2.09 -9.01 -20.81
CA HIS A 133 -3.03 -8.91 -21.94
C HIS A 133 -3.89 -10.16 -21.99
N THR A 134 -4.64 -10.35 -23.10
CA THR A 134 -5.56 -11.49 -23.15
C THR A 134 -5.39 -12.43 -24.36
N SER A 135 -4.41 -12.20 -25.23
CA SER A 135 -4.31 -12.95 -26.49
C SER A 135 -3.28 -14.07 -26.40
N ASN A 136 -3.63 -15.21 -27.00
CA ASN A 136 -2.64 -16.26 -27.29
C ASN A 136 -1.63 -15.73 -28.32
N LEU A 137 -0.48 -16.41 -28.40
CA LEU A 137 0.57 -16.00 -29.35
C LEU A 137 0.45 -16.79 -30.65
N ILE A 138 -0.72 -16.57 -31.29
CA ILE A 138 -1.05 -17.19 -32.55
C ILE A 138 -1.67 -16.09 -33.40
N HIS A 139 -1.53 -16.24 -34.73
CA HIS A 139 -2.03 -15.22 -35.66
C HIS A 139 -3.52 -14.89 -35.44
N ALA A 140 -4.36 -15.91 -35.26
CA ALA A 140 -5.80 -15.61 -35.21
C ALA A 140 -6.21 -14.82 -33.99
N ASP A 141 -5.40 -14.86 -32.92
CA ASP A 141 -5.87 -14.12 -31.73
C ASP A 141 -5.64 -12.65 -31.91
N TRP A 142 -4.81 -12.23 -32.86
CA TRP A 142 -4.51 -10.80 -33.01
C TRP A 142 -5.10 -10.26 -34.30
N HIS A 143 -5.92 -11.07 -34.99
CA HIS A 143 -6.36 -10.71 -36.33
C HIS A 143 -7.73 -10.04 -36.30
N GLN A 144 -8.80 -10.74 -35.86
CA GLN A 144 -10.15 -10.15 -35.94
C GLN A 144 -10.90 -10.35 -34.61
N LYS A 145 -10.18 -10.39 -33.48
CA LYS A 145 -10.85 -10.58 -32.19
C LYS A 145 -10.78 -9.28 -31.40
N THR A 146 -11.69 -9.17 -30.43
CA THR A 146 -11.58 -8.09 -29.42
C THR A 146 -10.72 -8.63 -28.29
N GLN A 147 -9.54 -8.03 -28.10
CA GLN A 147 -8.59 -8.48 -27.07
C GLN A 147 -8.16 -7.23 -26.29
N GLY A 148 -7.76 -7.41 -25.03
CA GLY A 148 -7.35 -6.28 -24.19
C GLY A 148 -5.88 -6.33 -23.78
N ILE A 149 -5.27 -5.13 -23.68
CA ILE A 149 -3.85 -5.00 -23.31
C ILE A 149 -3.72 -3.91 -22.25
N TRP A 150 -2.94 -4.19 -21.19
CA TRP A 150 -2.47 -3.13 -20.29
C TRP A 150 -0.99 -2.98 -20.49
N LEU A 151 -0.52 -1.74 -20.77
CA LEU A 151 0.91 -1.48 -20.98
C LEU A 151 1.42 -0.74 -19.77
N SER A 152 2.43 -1.32 -19.09
CA SER A 152 3.05 -0.58 -18.00
C SER A 152 3.83 0.62 -18.52
N PRO A 153 4.16 1.54 -17.63
CA PRO A 153 5.15 2.57 -17.95
C PRO A 153 6.49 1.91 -18.23
N LEU A 154 7.39 2.65 -18.91
CA LEU A 154 8.81 2.27 -18.92
C LEU A 154 9.37 2.44 -17.51
N TYR A 155 9.73 1.32 -16.89
CA TYR A 155 10.26 1.40 -15.52
C TYR A 155 11.78 1.56 -15.58
N PRO A 156 12.36 2.61 -15.00
CA PRO A 156 13.81 2.79 -15.09
C PRO A 156 14.53 1.84 -14.13
N ARG A 157 15.79 1.59 -14.43
CA ARG A 157 16.66 0.87 -13.49
C ARG A 157 16.99 1.73 -12.29
N ILE A 158 17.06 1.09 -11.11
CA ILE A 158 17.57 1.73 -9.91
C ILE A 158 19.10 1.65 -9.97
N ALA A 159 19.73 2.77 -9.73
CA ALA A 159 21.19 2.86 -9.86
C ALA A 159 21.92 1.89 -8.93
N ASP A 160 22.97 1.25 -9.45
CA ASP A 160 23.91 0.47 -8.63
C ASP A 160 24.31 1.27 -7.40
N GLY A 161 24.15 0.67 -6.22
CA GLY A 161 24.49 1.31 -4.96
C GLY A 161 23.36 2.04 -4.26
N THR A 162 22.29 2.34 -4.97
CA THR A 162 21.14 3.02 -4.38
C THR A 162 20.18 2.01 -3.74
N HIS A 163 19.72 2.32 -2.51
CA HIS A 163 18.75 1.48 -1.82
C HIS A 163 17.40 2.20 -1.80
N LYS A 164 16.46 1.71 -2.61
CA LYS A 164 15.11 2.23 -2.54
C LYS A 164 14.19 1.08 -2.91
N SER A 165 12.91 1.20 -2.54
CA SER A 165 12.06 0.07 -2.75
C SER A 165 11.68 -0.06 -4.23
N GLY A 166 11.50 1.06 -4.92
CA GLY A 166 10.86 0.98 -6.22
C GLY A 166 9.41 0.55 -6.22
N GLU A 167 8.70 0.71 -5.10
CA GLU A 167 7.35 0.21 -4.96
C GLU A 167 6.32 1.31 -5.23
N SER A 168 5.20 0.87 -5.80
CA SER A 168 4.08 1.76 -6.07
C SER A 168 3.08 1.76 -4.92
N PRO A 169 2.18 2.76 -4.87
CA PRO A 169 1.13 2.75 -3.84
C PRO A 169 0.19 1.58 -3.95
N THR A 170 0.13 0.89 -5.13
CA THR A 170 -0.71 -0.27 -5.29
C THR A 170 0.04 -1.57 -4.95
N HIS A 171 1.30 -1.48 -4.56
CA HIS A 171 2.14 -2.63 -4.14
C HIS A 171 2.42 -3.54 -5.35
N PHE A 172 2.36 -2.98 -6.57
CA PHE A 172 2.46 -3.81 -7.77
C PHE A 172 3.80 -4.55 -7.85
N LYS A 173 4.91 -3.93 -7.43
CA LYS A 173 6.22 -4.59 -7.58
C LYS A 173 6.25 -5.85 -6.72
N ALA A 174 5.97 -5.71 -5.42
CA ALA A 174 5.94 -6.90 -4.55
C ALA A 174 4.92 -7.91 -5.02
N ASP A 175 3.77 -7.45 -5.50
CA ASP A 175 2.75 -8.42 -5.89
C ASP A 175 3.16 -9.18 -7.15
N LEU A 176 3.82 -8.49 -8.11
CA LEU A 176 4.32 -9.21 -9.31
C LEU A 176 5.43 -10.21 -8.91
N ILE A 177 6.30 -9.82 -8.00
CA ILE A 177 7.34 -10.76 -7.56
C ILE A 177 6.69 -11.95 -6.88
N SER A 178 5.65 -11.70 -6.10
N SER A 178 5.67 -11.72 -6.08
CA SER A 178 4.95 -12.78 -5.40
CA SER A 178 5.02 -12.84 -5.40
C SER A 178 4.33 -13.75 -6.38
C SER A 178 4.34 -13.78 -6.39
N TYR A 179 3.73 -13.22 -7.43
CA TYR A 179 3.15 -14.04 -8.51
C TYR A 179 4.22 -14.93 -9.14
N LEU A 180 5.38 -14.34 -9.49
CA LEU A 180 6.44 -15.12 -10.13
C LEU A 180 7.06 -16.13 -9.16
N MET A 181 7.15 -15.78 -7.86
N MET A 181 7.12 -15.77 -7.88
CA MET A 181 7.71 -16.72 -6.89
CA MET A 181 7.67 -16.66 -6.85
C MET A 181 6.89 -17.99 -6.83
C MET A 181 6.88 -17.95 -6.75
N ALA A 182 5.57 -17.89 -7.06
CA ALA A 182 4.72 -19.07 -6.95
C ALA A 182 5.10 -20.17 -7.94
N TYR A 183 5.75 -19.84 -9.06
CA TYR A 183 6.17 -20.87 -10.01
C TYR A 183 7.33 -21.75 -9.48
N ASN A 184 8.15 -21.24 -8.54
CA ASN A 184 9.30 -21.93 -8.00
C ASN A 184 10.25 -22.40 -9.13
N ALA A 185 10.47 -21.51 -10.10
CA ALA A 185 11.22 -21.83 -11.34
C ALA A 185 12.52 -21.04 -11.45
N PRO A 186 13.65 -21.67 -11.75
CA PRO A 186 14.90 -20.89 -11.84
C PRO A 186 14.89 -19.79 -12.91
N SER A 187 14.31 -20.04 -14.08
CA SER A 187 14.29 -18.99 -15.11
C SER A 187 13.49 -17.77 -14.65
N LEU A 188 12.45 -17.98 -13.83
CA LEU A 188 11.69 -16.85 -13.36
C LEU A 188 12.35 -16.20 -12.17
N LYS A 189 13.20 -16.93 -11.38
CA LYS A 189 13.96 -16.20 -10.37
C LYS A 189 14.87 -15.18 -11.03
N GLU A 190 15.39 -15.47 -12.24
CA GLU A 190 16.21 -14.47 -12.94
C GLU A 190 15.39 -13.21 -13.24
N TRP A 191 14.14 -13.39 -13.67
CA TRP A 191 13.24 -12.25 -13.93
C TRP A 191 12.87 -11.54 -12.64
N ILE A 192 12.73 -12.27 -11.53
CA ILE A 192 12.48 -11.62 -10.25
C ILE A 192 13.65 -10.69 -9.92
N ASP A 193 14.87 -11.15 -10.18
CA ASP A 193 16.04 -10.32 -9.85
C ASP A 193 16.06 -9.09 -10.77
N VAL A 194 15.63 -9.24 -12.02
CA VAL A 194 15.48 -8.08 -12.92
C VAL A 194 14.46 -7.09 -12.34
N ILE A 195 13.31 -7.59 -11.96
CA ILE A 195 12.27 -6.70 -11.40
C ILE A 195 12.78 -5.99 -10.14
N HIS A 196 13.49 -6.70 -9.24
CA HIS A 196 14.05 -6.04 -8.06
C HIS A 196 14.89 -4.83 -8.41
N LYS A 197 15.62 -4.89 -9.53
CA LYS A 197 16.52 -3.82 -9.91
C LYS A 197 15.81 -2.64 -10.58
N HIS A 198 14.48 -2.66 -10.78
CA HIS A 198 13.82 -1.55 -11.46
C HIS A 198 12.82 -0.84 -10.54
N ASP A 199 12.51 0.37 -10.92
CA ASP A 199 11.64 1.24 -10.12
C ASP A 199 10.24 1.18 -10.74
N LEU A 200 9.32 0.52 -10.04
CA LEU A 200 7.96 0.37 -10.56
C LEU A 200 6.96 1.31 -9.86
N SER A 201 7.46 2.37 -9.27
CA SER A 201 6.66 3.23 -8.40
C SER A 201 5.55 3.98 -9.14
N GLU A 202 5.66 4.18 -10.45
CA GLU A 202 4.60 4.88 -11.19
C GLU A 202 3.36 4.03 -11.44
N THR A 203 3.35 2.78 -11.04
CA THR A 203 2.25 1.90 -11.43
C THR A 203 0.99 2.24 -10.63
N ASN A 204 -0.13 2.36 -11.35
N ASN A 204 -0.13 2.39 -11.32
CA ASN A 204 -1.39 2.81 -10.77
CA ASN A 204 -1.36 2.75 -10.63
C ASN A 204 -2.47 1.73 -10.79
C ASN A 204 -2.48 1.76 -10.92
N VAL A 205 -2.14 0.50 -11.21
CA VAL A 205 -3.06 -0.64 -11.21
C VAL A 205 -2.67 -1.62 -10.12
N TYR A 206 -3.67 -2.41 -9.69
CA TYR A 206 -3.44 -3.51 -8.75
C TYR A 206 -3.36 -4.80 -9.53
N LEU A 207 -2.40 -5.64 -9.16
CA LEU A 207 -2.29 -6.95 -9.78
C LEU A 207 -3.30 -7.93 -9.16
N ILE A 208 -4.05 -8.66 -9.97
CA ILE A 208 -4.91 -9.75 -9.44
C ILE A 208 -4.53 -11.05 -10.16
N GLY A 209 -3.87 -11.93 -9.42
CA GLY A 209 -3.42 -13.20 -9.99
C GLY A 209 -4.11 -14.41 -9.41
N SER A 210 -4.11 -15.50 -10.17
CA SER A 210 -4.45 -16.82 -9.65
C SER A 210 -3.24 -17.72 -9.88
N THR A 211 -2.96 -18.58 -8.90
N THR A 211 -2.89 -18.52 -8.87
CA THR A 211 -1.93 -19.59 -9.07
CA THR A 211 -1.92 -19.59 -9.04
C THR A 211 -2.45 -20.85 -8.40
C THR A 211 -2.52 -20.87 -8.45
N PRO A 212 -2.07 -22.04 -8.88
CA PRO A 212 -2.68 -23.26 -8.36
C PRO A 212 -2.31 -23.52 -6.92
N GLY A 213 -3.30 -23.91 -6.15
CA GLY A 213 -3.01 -24.33 -4.78
C GLY A 213 -4.24 -24.32 -3.90
N ARG A 214 -3.99 -24.55 -2.64
N ARG A 214 -3.99 -24.49 -2.59
CA ARG A 214 -5.01 -24.62 -1.62
CA ARG A 214 -5.06 -24.65 -1.59
C ARG A 214 -4.52 -23.59 -0.61
C ARG A 214 -4.72 -23.72 -0.41
N PHE A 215 -5.25 -22.50 -0.52
CA PHE A 215 -4.79 -21.37 0.30
C PHE A 215 -5.67 -21.23 1.54
N GLN A 216 -5.03 -21.22 2.72
CA GLN A 216 -5.71 -21.02 4.02
C GLN A 216 -5.12 -19.82 4.76
N GLY A 217 -5.78 -19.36 5.83
CA GLY A 217 -5.14 -18.42 6.74
C GLY A 217 -4.52 -17.16 6.13
N SER A 218 -3.20 -16.94 6.34
CA SER A 218 -2.56 -15.72 5.85
C SER A 218 -2.52 -15.64 4.32
N GLN A 219 -2.93 -16.69 3.63
CA GLN A 219 -2.73 -16.76 2.19
C GLN A 219 -4.03 -16.72 1.42
N LYS A 220 -5.17 -16.88 2.10
CA LYS A 220 -6.46 -16.95 1.46
C LYS A 220 -6.77 -15.73 0.61
N ASP A 221 -6.23 -14.55 0.97
CA ASP A 221 -6.55 -13.30 0.25
C ASP A 221 -5.54 -12.97 -0.82
N ASN A 222 -4.54 -13.84 -1.08
CA ASN A 222 -3.51 -13.53 -2.06
C ASN A 222 -4.00 -13.67 -3.48
N TRP A 223 -5.00 -14.51 -3.73
CA TRP A 223 -5.27 -14.94 -5.11
C TRP A 223 -6.77 -14.97 -5.44
N GLY A 224 -7.04 -14.98 -6.75
CA GLY A 224 -8.41 -15.30 -7.17
C GLY A 224 -9.48 -14.35 -6.65
N HIS A 225 -10.69 -14.87 -6.42
CA HIS A 225 -11.73 -13.90 -6.12
C HIS A 225 -11.59 -13.33 -4.71
N PHE A 226 -10.88 -14.02 -3.80
CA PHE A 226 -10.63 -13.43 -2.48
C PHE A 226 -9.63 -12.29 -2.57
N ARG A 227 -8.70 -12.34 -3.54
CA ARG A 227 -7.81 -11.22 -3.78
C ARG A 227 -8.61 -10.00 -4.23
N LEU A 228 -9.55 -10.21 -5.17
CA LEU A 228 -10.43 -9.12 -5.58
C LEU A 228 -11.20 -8.57 -4.39
N LYS A 229 -11.81 -9.47 -3.62
CA LYS A 229 -12.57 -9.04 -2.48
C LYS A 229 -11.74 -8.17 -1.52
N LYS A 230 -10.49 -8.58 -1.24
CA LYS A 230 -9.64 -7.85 -0.29
C LYS A 230 -9.32 -6.45 -0.81
N LEU A 231 -9.02 -6.34 -2.12
CA LEU A 231 -8.69 -5.05 -2.68
C LEU A 231 -9.92 -4.14 -2.62
N LEU A 232 -11.11 -4.70 -2.93
CA LEU A 232 -12.31 -3.86 -2.90
C LEU A 232 -12.69 -3.46 -1.47
N LYS A 233 -12.47 -4.35 -0.49
CA LYS A 233 -12.69 -3.99 0.89
C LYS A 233 -11.76 -2.85 1.30
N ASP A 234 -10.50 -2.92 0.92
CA ASP A 234 -9.49 -2.01 1.43
C ASP A 234 -9.35 -0.71 0.64
N HIS A 235 -9.73 -0.71 -0.67
CA HIS A 235 -9.35 0.42 -1.52
C HIS A 235 -10.54 0.96 -2.33
N ALA A 236 -11.75 0.52 -2.01
CA ALA A 236 -12.96 1.07 -2.60
C ALA A 236 -13.89 1.50 -1.47
N SER A 237 -14.78 2.43 -1.79
CA SER A 237 -15.75 2.95 -0.82
C SER A 237 -17.16 2.50 -1.20
N SER A 238 -17.98 2.13 -0.22
CA SER A 238 -19.38 1.89 -0.55
C SER A 238 -20.13 3.22 -0.65
N MET A 239 -21.13 3.25 -1.51
CA MET A 239 -21.95 4.44 -1.75
C MET A 239 -23.38 4.12 -1.36
N PRO A 240 -24.23 5.13 -1.15
CA PRO A 240 -25.63 4.81 -0.85
C PRO A 240 -26.21 4.09 -2.04
N ASN A 241 -27.12 3.17 -1.76
CA ASN A 241 -27.83 2.45 -2.82
C ASN A 241 -26.85 1.60 -3.61
N ALA A 242 -25.74 1.19 -2.97
CA ALA A 242 -24.81 0.23 -3.57
C ALA A 242 -25.51 -1.01 -4.12
N GLU A 243 -26.62 -1.43 -3.47
CA GLU A 243 -27.36 -2.61 -3.92
C GLU A 243 -27.93 -2.44 -5.34
N SER A 244 -28.08 -1.22 -5.84
N SER A 244 -28.06 -1.21 -5.82
CA SER A 244 -28.54 -1.02 -7.20
CA SER A 244 -28.52 -0.92 -7.17
C SER A 244 -27.42 -0.92 -8.23
C SER A 244 -27.43 -0.96 -8.22
N TRP A 245 -26.15 -0.94 -7.82
CA TRP A 245 -25.05 -0.90 -8.79
C TRP A 245 -24.81 -2.30 -9.29
N PRO A 246 -25.03 -2.58 -10.56
CA PRO A 246 -24.87 -3.96 -11.06
C PRO A 246 -23.43 -4.43 -11.02
N VAL A 247 -23.28 -5.74 -11.22
CA VAL A 247 -22.00 -6.37 -11.54
C VAL A 247 -22.08 -6.84 -12.98
N VAL A 248 -21.02 -6.58 -13.74
CA VAL A 248 -20.93 -7.08 -15.12
C VAL A 248 -19.73 -7.98 -15.24
N GLY A 249 -19.93 -9.16 -15.81
CA GLY A 249 -18.82 -10.04 -16.14
C GLY A 249 -18.92 -10.44 -17.60
N GLN A 250 -17.78 -10.46 -18.25
CA GLN A 250 -17.72 -10.58 -19.71
C GLN A 250 -16.53 -11.52 -20.05
N PHE A 251 -16.79 -12.57 -20.83
CA PHE A 251 -15.81 -13.68 -20.83
C PHE A 251 -16.00 -14.48 -22.11
N SER A 252 -15.02 -15.37 -22.38
CA SER A 252 -15.06 -16.19 -23.61
C SER A 252 -15.20 -17.68 -23.36
N SER A 253 -15.31 -18.13 -22.11
N SER A 253 -15.14 -18.15 -22.09
CA SER A 253 -15.48 -19.52 -21.81
CA SER A 253 -15.27 -19.55 -21.70
C SER A 253 -16.19 -19.57 -20.47
C SER A 253 -16.13 -19.58 -20.44
N VAL A 254 -16.90 -20.67 -20.27
CA VAL A 254 -17.77 -20.87 -19.13
C VAL A 254 -17.41 -22.22 -18.52
N GLY A 255 -17.10 -22.25 -17.22
CA GLY A 255 -16.86 -23.52 -16.58
C GLY A 255 -18.15 -24.14 -16.09
N SER A 256 -18.03 -25.31 -15.47
N SER A 256 -18.04 -25.35 -15.55
CA SER A 256 -19.12 -26.01 -14.80
CA SER A 256 -19.12 -25.97 -14.80
C SER A 256 -19.37 -25.34 -13.46
C SER A 256 -19.30 -25.17 -13.51
N LEU A 257 -20.48 -24.59 -13.32
CA LEU A 257 -20.68 -23.77 -12.13
C LEU A 257 -21.59 -24.43 -11.11
N GLY A 258 -22.18 -25.58 -11.42
CA GLY A 258 -23.04 -26.26 -10.47
C GLY A 258 -24.50 -26.27 -10.92
N ALA A 259 -25.29 -26.99 -10.15
CA ALA A 259 -26.67 -27.24 -10.53
C ALA A 259 -27.60 -26.04 -10.30
N ASP A 260 -27.19 -25.02 -9.55
CA ASP A 260 -27.99 -23.79 -9.48
C ASP A 260 -27.05 -22.63 -9.08
N GLU A 261 -27.61 -21.43 -9.07
CA GLU A 261 -26.79 -20.24 -8.87
C GLU A 261 -26.25 -20.15 -7.46
N SER A 262 -26.87 -20.86 -6.50
CA SER A 262 -26.33 -20.73 -5.15
C SER A 262 -25.07 -21.55 -4.91
N LYS A 263 -24.70 -22.44 -5.84
CA LYS A 263 -23.57 -23.33 -5.56
C LYS A 263 -22.24 -22.57 -5.58
N TRP A 264 -22.13 -21.59 -6.45
CA TRP A 264 -20.90 -20.82 -6.58
C TRP A 264 -21.16 -19.42 -7.16
N LEU A 265 -21.95 -19.31 -8.23
CA LEU A 265 -21.97 -18.02 -8.96
C LEU A 265 -22.51 -16.89 -8.10
N CYS A 266 -23.65 -17.10 -7.45
CA CYS A 266 -24.33 -16.07 -6.67
C CYS A 266 -24.16 -16.30 -5.18
N SER A 267 -23.21 -17.15 -4.78
N SER A 267 -23.08 -16.97 -4.77
CA SER A 267 -22.84 -17.24 -3.39
CA SER A 267 -22.85 -17.30 -3.36
C SER A 267 -21.45 -16.62 -3.36
C SER A 267 -21.46 -16.91 -2.87
N GLU A 268 -20.40 -17.40 -3.48
CA GLU A 268 -19.10 -16.85 -3.19
C GLU A 268 -18.59 -15.92 -4.29
N PHE A 269 -18.84 -16.19 -5.59
CA PHE A 269 -18.27 -15.35 -6.64
C PHE A 269 -18.92 -13.95 -6.67
N LYS A 270 -20.25 -13.90 -6.79
CA LYS A 270 -20.93 -12.60 -6.74
C LYS A 270 -20.62 -11.88 -5.43
N GLU A 271 -20.58 -12.60 -4.29
CA GLU A 271 -20.30 -11.96 -3.01
C GLU A 271 -18.96 -11.25 -3.01
N SER A 272 -17.93 -11.85 -3.61
CA SER A 272 -16.68 -11.10 -3.73
C SER A 272 -16.84 -9.90 -4.64
N MET A 273 -17.49 -10.06 -5.78
CA MET A 273 -17.57 -9.00 -6.76
C MET A 273 -18.39 -7.82 -6.26
N LEU A 274 -19.32 -8.04 -5.33
CA LEU A 274 -20.09 -6.89 -4.89
C LEU A 274 -19.50 -6.20 -3.68
N THR A 275 -18.38 -6.67 -3.14
CA THR A 275 -17.73 -6.00 -2.01
C THR A 275 -17.34 -4.56 -2.36
N LEU A 276 -17.61 -3.63 -1.44
CA LEU A 276 -17.10 -2.25 -1.50
C LEU A 276 -16.90 -1.78 -0.09
N GLY A 277 -15.65 -1.46 0.22
CA GLY A 277 -15.35 -0.84 1.52
C GLY A 277 -15.37 -1.83 2.66
N LYS A 278 -15.19 -1.27 3.87
CA LYS A 278 -14.79 -2.07 5.03
C LYS A 278 -15.97 -2.56 5.88
N GLU A 279 -17.16 -2.00 5.68
CA GLU A 279 -18.29 -2.30 6.56
C GLU A 279 -18.94 -3.63 6.16
N SER A 280 -19.97 -4.05 6.92
CA SER A 280 -20.68 -5.29 6.58
C SER A 280 -21.94 -4.98 5.80
N SER A 286 -28.84 -10.75 -1.47
CA SER A 286 -28.49 -9.53 -2.21
C SER A 286 -29.22 -9.40 -3.53
N SER A 287 -29.80 -8.23 -3.75
CA SER A 287 -30.57 -7.91 -4.95
C SER A 287 -29.73 -7.27 -6.06
N VAL A 288 -28.40 -7.32 -5.96
CA VAL A 288 -27.52 -6.68 -6.93
C VAL A 288 -27.71 -7.34 -8.30
N PRO A 289 -28.09 -6.61 -9.36
CA PRO A 289 -28.23 -7.23 -10.69
C PRO A 289 -26.89 -7.74 -11.21
N LEU A 290 -26.95 -8.84 -11.96
CA LEU A 290 -25.75 -9.50 -12.44
C LEU A 290 -25.93 -9.69 -13.93
N TYR A 291 -25.05 -9.08 -14.72
CA TYR A 291 -25.10 -9.17 -16.16
C TYR A 291 -23.90 -10.00 -16.59
N LEU A 292 -24.13 -11.08 -17.34
CA LEU A 292 -23.03 -11.85 -17.91
C LEU A 292 -23.06 -11.67 -19.44
N ILE A 293 -21.93 -11.30 -20.03
CA ILE A 293 -21.87 -11.03 -21.47
C ILE A 293 -21.09 -12.16 -22.12
N TYR A 294 -21.74 -12.89 -23.05
CA TYR A 294 -21.12 -14.03 -23.69
C TYR A 294 -21.73 -14.13 -25.10
N PRO A 295 -20.94 -14.35 -26.14
CA PRO A 295 -21.53 -14.34 -27.50
C PRO A 295 -22.61 -15.38 -27.72
N SER A 296 -23.69 -14.93 -28.37
CA SER A 296 -24.72 -15.85 -28.85
C SER A 296 -24.27 -16.54 -30.14
N VAL A 297 -25.04 -17.55 -30.55
CA VAL A 297 -24.77 -18.18 -31.85
C VAL A 297 -24.82 -17.13 -32.97
N GLU A 298 -25.81 -16.23 -32.94
N GLU A 298 -25.82 -16.24 -32.95
CA GLU A 298 -25.92 -15.26 -34.02
CA GLU A 298 -25.93 -15.24 -34.02
C GLU A 298 -24.76 -14.29 -33.99
C GLU A 298 -24.75 -14.30 -34.00
N ASN A 299 -24.26 -13.93 -32.79
CA ASN A 299 -23.07 -13.08 -32.73
C ASN A 299 -21.91 -13.75 -33.48
N VAL A 300 -21.71 -15.04 -33.22
CA VAL A 300 -20.61 -15.76 -33.87
C VAL A 300 -20.84 -15.91 -35.39
N ARG A 301 -22.05 -16.32 -35.77
CA ARG A 301 -22.33 -16.54 -37.22
C ARG A 301 -22.05 -15.28 -38.04
N THR A 302 -22.45 -14.12 -37.55
CA THR A 302 -22.32 -12.91 -38.31
C THR A 302 -20.99 -12.18 -38.04
N SER A 303 -20.08 -12.79 -37.31
CA SER A 303 -18.80 -12.14 -36.97
C SER A 303 -17.89 -12.06 -38.22
N LEU A 304 -16.80 -11.27 -38.08
CA LEU A 304 -15.75 -11.20 -39.11
C LEU A 304 -15.18 -12.56 -39.48
N GLU A 305 -14.91 -13.41 -38.47
CA GLU A 305 -14.35 -14.73 -38.75
C GLU A 305 -15.40 -15.74 -39.14
N GLY A 306 -16.70 -15.50 -38.82
CA GLY A 306 -17.79 -16.46 -38.98
C GLY A 306 -17.70 -17.53 -37.90
N TYR A 307 -18.27 -18.71 -38.19
CA TYR A 307 -18.33 -19.78 -37.19
C TYR A 307 -16.96 -20.19 -36.65
N PRO A 308 -15.87 -20.12 -37.40
CA PRO A 308 -14.56 -20.45 -36.81
C PRO A 308 -14.16 -19.59 -35.62
N ALA A 309 -14.75 -18.37 -35.48
CA ALA A 309 -14.49 -17.61 -34.24
C ALA A 309 -14.87 -18.46 -33.02
N GLY A 310 -15.84 -19.35 -33.20
CA GLY A 310 -16.31 -20.20 -32.14
C GLY A 310 -15.32 -21.27 -31.71
N GLY A 311 -14.27 -21.52 -32.49
CA GLY A 311 -13.22 -22.40 -31.96
C GLY A 311 -12.45 -21.79 -30.80
N SER A 312 -12.64 -20.50 -30.54
CA SER A 312 -12.03 -19.82 -29.39
C SER A 312 -13.05 -19.45 -28.33
N LEU A 313 -14.21 -20.11 -28.37
CA LEU A 313 -15.30 -19.89 -27.40
C LEU A 313 -15.72 -21.28 -26.94
N PRO A 314 -14.87 -21.94 -26.16
CA PRO A 314 -14.99 -23.43 -26.03
C PRO A 314 -16.03 -23.99 -25.07
N TYR A 315 -17.25 -23.49 -25.05
CA TYR A 315 -18.32 -23.98 -24.17
C TYR A 315 -18.95 -25.25 -24.75
N SER A 316 -18.86 -26.35 -24.01
CA SER A 316 -19.32 -27.65 -24.47
C SER A 316 -20.78 -27.90 -24.12
N ILE A 317 -21.47 -28.67 -24.98
CA ILE A 317 -22.86 -29.02 -24.71
C ILE A 317 -22.98 -29.82 -23.42
N GLN A 318 -21.98 -30.64 -23.10
CA GLN A 318 -22.02 -31.45 -21.88
C GLN A 318 -22.02 -30.56 -20.64
N THR A 319 -21.23 -29.49 -20.65
CA THR A 319 -21.28 -28.53 -19.56
C THR A 319 -22.60 -27.73 -19.59
N ALA A 320 -22.97 -27.21 -20.77
CA ALA A 320 -24.10 -26.29 -20.82
C ALA A 320 -25.41 -26.96 -20.38
N GLU A 321 -25.62 -28.23 -20.78
CA GLU A 321 -26.90 -28.85 -20.46
C GLU A 321 -27.07 -29.18 -18.98
N LYS A 322 -26.01 -29.05 -18.18
CA LYS A 322 -26.02 -29.19 -16.72
C LYS A 322 -26.41 -27.90 -16.01
N GLN A 323 -26.46 -26.77 -16.72
CA GLN A 323 -26.64 -25.49 -16.05
C GLN A 323 -27.47 -24.53 -16.91
N ASN A 324 -28.62 -25.02 -17.46
CA ASN A 324 -29.44 -24.12 -18.24
C ASN A 324 -29.93 -22.93 -17.44
N TRP A 325 -29.96 -23.01 -16.09
CA TRP A 325 -30.27 -21.82 -15.28
C TRP A 325 -29.33 -20.65 -15.57
N LEU A 326 -28.08 -20.92 -15.94
CA LEU A 326 -27.11 -19.84 -16.14
C LEU A 326 -27.48 -18.96 -17.32
N HIS A 327 -28.13 -19.53 -18.35
CA HIS A 327 -28.22 -18.77 -19.59
C HIS A 327 -29.22 -17.63 -19.47
N SER A 328 -30.10 -17.66 -18.47
N SER A 328 -30.10 -17.66 -18.46
CA SER A 328 -30.97 -16.52 -18.21
CA SER A 328 -30.96 -16.52 -18.19
C SER A 328 -30.19 -15.27 -17.75
C SER A 328 -30.19 -15.27 -17.75
N TYR A 329 -28.91 -15.40 -17.44
CA TYR A 329 -28.08 -14.24 -17.11
C TYR A 329 -27.39 -13.69 -18.32
N PHE A 330 -27.50 -14.35 -19.50
CA PHE A 330 -26.61 -14.02 -20.61
C PHE A 330 -27.14 -12.85 -21.45
N HIS A 331 -26.18 -11.99 -21.83
CA HIS A 331 -26.37 -10.82 -22.68
C HIS A 331 -25.43 -10.90 -23.88
N LYS A 332 -25.91 -10.38 -25.01
CA LYS A 332 -25.20 -10.44 -26.28
C LYS A 332 -23.93 -9.63 -26.25
N TRP A 333 -22.99 -10.01 -27.12
CA TRP A 333 -21.85 -9.15 -27.37
C TRP A 333 -22.24 -8.01 -28.29
N SER A 334 -21.91 -6.78 -27.88
CA SER A 334 -22.16 -5.58 -28.68
C SER A 334 -21.08 -4.57 -28.35
N ALA A 335 -20.43 -4.01 -29.38
CA ALA A 335 -19.32 -3.10 -29.16
C ALA A 335 -19.29 -2.00 -30.23
N GLU A 336 -20.45 -1.37 -30.48
CA GLU A 336 -20.43 -0.22 -31.41
C GLU A 336 -19.49 0.86 -30.94
N THR A 337 -19.33 1.02 -29.59
CA THR A 337 -18.46 2.06 -29.06
C THR A 337 -17.04 1.94 -29.57
N SER A 338 -16.58 0.71 -29.90
CA SER A 338 -15.22 0.50 -30.38
C SER A 338 -15.21 -0.08 -31.80
N GLY A 339 -16.35 -0.05 -32.49
CA GLY A 339 -16.51 -0.65 -33.82
C GLY A 339 -16.25 -2.13 -33.87
N ARG A 340 -16.46 -2.86 -32.75
CA ARG A 340 -16.05 -4.26 -32.62
C ARG A 340 -17.20 -5.23 -32.38
N SER A 341 -18.44 -4.85 -32.76
CA SER A 341 -19.53 -5.80 -32.56
C SER A 341 -19.30 -7.08 -33.32
N ASN A 342 -18.61 -7.04 -34.48
CA ASN A 342 -18.37 -8.29 -35.21
C ASN A 342 -16.99 -8.91 -34.97
N ALA A 343 -16.24 -8.43 -33.95
CA ALA A 343 -14.93 -8.95 -33.61
C ALA A 343 -15.12 -9.72 -32.31
N MET A 344 -15.19 -11.05 -32.40
CA MET A 344 -15.66 -11.80 -31.24
C MET A 344 -14.68 -11.60 -30.07
N PRO A 345 -15.19 -11.53 -28.86
CA PRO A 345 -14.34 -11.23 -27.71
C PRO A 345 -13.53 -12.44 -27.28
N HIS A 346 -12.25 -12.21 -27.07
CA HIS A 346 -11.42 -13.09 -26.25
C HIS A 346 -10.86 -12.35 -25.04
N ILE A 347 -11.07 -11.04 -24.98
CA ILE A 347 -10.84 -10.29 -23.75
C ILE A 347 -11.78 -10.84 -22.67
N LYS A 348 -11.37 -10.71 -21.41
CA LYS A 348 -12.28 -10.95 -20.28
C LYS A 348 -12.23 -9.70 -19.43
N THR A 349 -13.39 -9.24 -18.98
CA THR A 349 -13.47 -8.05 -18.14
C THR A 349 -14.58 -8.21 -17.13
N TYR A 350 -14.43 -7.53 -16.01
CA TYR A 350 -15.38 -7.50 -14.91
C TYR A 350 -15.46 -6.06 -14.41
N MET A 351 -16.66 -5.56 -14.08
CA MET A 351 -16.72 -4.14 -13.65
C MET A 351 -18.00 -3.94 -12.85
N ARG A 352 -18.07 -2.79 -12.17
CA ARG A 352 -19.17 -2.44 -11.30
C ARG A 352 -19.79 -1.10 -11.72
N PRO A 353 -20.71 -1.11 -12.67
N PRO A 353 -20.66 -1.09 -12.71
CA PRO A 353 -21.32 0.14 -13.14
CA PRO A 353 -21.26 0.19 -13.15
C PRO A 353 -22.35 0.68 -12.17
C PRO A 353 -22.30 0.70 -12.17
N SER A 354 -22.63 2.00 -12.30
CA SER A 354 -23.75 2.62 -11.59
C SER A 354 -25.10 2.18 -12.21
N PRO A 355 -26.23 2.45 -11.54
CA PRO A 355 -27.50 1.92 -12.03
C PRO A 355 -27.84 2.39 -13.43
N ASP A 356 -27.38 3.59 -13.82
CA ASP A 356 -27.61 4.07 -15.19
C ASP A 356 -26.41 3.88 -16.07
N PHE A 357 -25.39 3.11 -15.64
CA PHE A 357 -24.23 2.77 -16.45
C PHE A 357 -23.42 3.95 -16.92
N SER A 358 -23.50 5.10 -16.25
CA SER A 358 -22.76 6.28 -16.64
C SER A 358 -21.41 6.37 -15.94
N LYS A 359 -21.24 5.60 -14.85
CA LYS A 359 -20.02 5.59 -14.03
C LYS A 359 -19.69 4.15 -13.69
N ILE A 360 -18.44 3.93 -13.30
CA ILE A 360 -18.07 2.59 -12.80
C ILE A 360 -17.24 2.77 -11.52
N ALA A 361 -17.44 1.83 -10.62
CA ALA A 361 -16.67 1.83 -9.36
C ALA A 361 -15.29 1.18 -9.52
N TRP A 362 -15.07 0.34 -10.52
CA TRP A 362 -13.81 -0.34 -10.77
C TRP A 362 -13.96 -1.10 -12.07
N PHE A 363 -12.83 -1.46 -12.65
CA PHE A 363 -12.79 -2.22 -13.89
C PHE A 363 -11.60 -3.19 -13.79
N LEU A 364 -11.77 -4.43 -14.27
CA LEU A 364 -10.73 -5.46 -14.23
C LEU A 364 -10.62 -6.06 -15.61
N VAL A 365 -9.40 -6.10 -16.17
CA VAL A 365 -9.18 -6.86 -17.39
C VAL A 365 -8.25 -8.01 -17.02
N THR A 366 -8.55 -9.19 -17.51
CA THR A 366 -7.85 -10.40 -17.03
C THR A 366 -7.90 -11.51 -18.07
N SER A 367 -7.10 -12.53 -17.78
CA SER A 367 -7.24 -13.77 -18.52
C SER A 367 -8.31 -14.67 -17.96
N ALA A 368 -8.88 -14.35 -16.76
CA ALA A 368 -9.80 -15.31 -16.09
C ALA A 368 -11.19 -15.33 -16.71
N ASN A 369 -11.58 -16.51 -17.18
CA ASN A 369 -12.96 -16.73 -17.64
C ASN A 369 -13.84 -17.02 -16.45
N LEU A 370 -15.12 -17.29 -16.75
CA LEU A 370 -16.11 -17.50 -15.68
C LEU A 370 -16.09 -18.97 -15.27
N SER A 371 -15.12 -19.28 -14.40
CA SER A 371 -14.90 -20.65 -13.96
C SER A 371 -14.29 -20.68 -12.57
N LYS A 372 -14.64 -21.75 -11.86
CA LYS A 372 -14.01 -22.02 -10.57
C LYS A 372 -12.50 -22.26 -10.69
N ALA A 373 -12.07 -22.90 -11.78
CA ALA A 373 -10.65 -23.18 -11.94
C ALA A 373 -9.83 -21.91 -11.93
N ALA A 374 -10.37 -20.88 -12.54
CA ALA A 374 -9.68 -19.60 -12.70
C ALA A 374 -9.80 -18.75 -11.44
N TRP A 375 -10.99 -18.68 -10.83
CA TRP A 375 -11.25 -17.72 -9.77
C TRP A 375 -11.13 -18.32 -8.37
N GLY A 376 -11.21 -19.65 -8.26
CA GLY A 376 -11.10 -20.28 -6.97
C GLY A 376 -12.47 -20.72 -6.46
N ALA A 377 -12.46 -21.82 -5.70
CA ALA A 377 -13.67 -22.36 -5.08
C ALA A 377 -13.35 -22.61 -3.62
N LEU A 378 -14.24 -22.19 -2.74
CA LEU A 378 -14.03 -22.42 -1.31
C LEU A 378 -14.17 -23.90 -0.95
N GLU A 379 -13.31 -24.36 -0.05
CA GLU A 379 -13.33 -25.75 0.44
C GLU A 379 -13.10 -25.73 1.95
N LYS A 380 -13.25 -26.90 2.57
CA LYS A 380 -12.96 -27.12 4.00
C LYS A 380 -13.76 -26.13 4.84
N ASN A 381 -15.08 -26.16 4.64
CA ASN A 381 -15.99 -25.38 5.47
C ASN A 381 -15.65 -23.90 5.36
N GLY A 382 -15.34 -23.44 4.15
CA GLY A 382 -15.05 -22.04 3.84
C GLY A 382 -13.69 -21.53 4.30
N THR A 383 -12.78 -22.39 4.76
CA THR A 383 -11.49 -21.95 5.27
C THR A 383 -10.36 -21.99 4.24
N GLN A 384 -10.59 -22.55 3.06
CA GLN A 384 -9.52 -22.78 2.12
C GLN A 384 -10.03 -22.39 0.76
N LEU A 385 -9.24 -21.67 -0.01
CA LEU A 385 -9.64 -21.35 -1.38
C LEU A 385 -8.79 -22.21 -2.29
N MET A 386 -9.41 -23.02 -3.15
CA MET A 386 -8.66 -23.89 -4.03
C MET A 386 -8.72 -23.35 -5.45
N ILE A 387 -7.54 -23.20 -6.06
CA ILE A 387 -7.46 -22.66 -7.42
C ILE A 387 -6.70 -23.67 -8.27
N ARG A 388 -7.21 -23.94 -9.49
CA ARG A 388 -6.52 -24.92 -10.33
C ARG A 388 -5.50 -24.31 -11.30
N SER A 389 -5.63 -23.02 -11.66
N SER A 389 -5.68 -23.02 -11.67
CA SER A 389 -4.98 -22.53 -12.87
CA SER A 389 -4.99 -22.51 -12.86
C SER A 389 -4.33 -21.15 -12.67
C SER A 389 -4.13 -21.29 -12.48
N TYR A 390 -3.26 -20.91 -13.43
CA TYR A 390 -2.63 -19.57 -13.45
C TYR A 390 -3.44 -18.62 -14.30
N GLU A 391 -3.76 -17.45 -13.74
CA GLU A 391 -4.43 -16.35 -14.42
C GLU A 391 -3.83 -15.06 -13.92
N LEU A 392 -4.04 -14.01 -14.74
CA LEU A 392 -3.49 -12.71 -14.31
C LEU A 392 -4.26 -11.58 -14.94
N GLY A 393 -4.50 -10.55 -14.14
CA GLY A 393 -5.26 -9.38 -14.61
C GLY A 393 -4.83 -8.15 -13.82
N VAL A 394 -5.36 -6.98 -14.27
CA VAL A 394 -5.04 -5.73 -13.57
C VAL A 394 -6.35 -5.03 -13.27
N LEU A 395 -6.40 -4.47 -12.06
CA LEU A 395 -7.60 -3.83 -11.51
C LEU A 395 -7.38 -2.31 -11.50
N PHE A 396 -8.31 -1.57 -12.09
CA PHE A 396 -8.37 -0.11 -12.07
C PHE A 396 -9.37 0.31 -11.03
N LEU A 397 -8.82 0.97 -9.92
CA LEU A 397 -9.68 1.50 -8.87
C LEU A 397 -9.63 3.00 -8.87
N PRO A 398 -10.76 3.69 -8.74
CA PRO A 398 -10.74 5.17 -8.76
C PRO A 398 -9.81 5.77 -7.75
N SER A 399 -9.69 5.18 -6.57
CA SER A 399 -8.84 5.77 -5.52
C SER A 399 -7.37 5.80 -5.95
N ALA A 400 -6.99 4.90 -6.86
CA ALA A 400 -5.59 4.90 -7.30
C ALA A 400 -5.33 6.02 -8.28
N PHE A 401 -6.39 6.74 -8.69
CA PHE A 401 -6.24 7.86 -9.61
C PHE A 401 -6.71 9.16 -8.95
N GLY A 402 -6.91 9.18 -7.64
CA GLY A 402 -7.45 10.36 -6.96
C GLY A 402 -8.89 10.63 -7.27
N LEU A 403 -9.68 9.59 -7.59
CA LEU A 403 -11.08 9.76 -7.99
C LEU A 403 -12.02 8.92 -7.12
N ASP A 404 -13.30 9.33 -7.09
CA ASP A 404 -14.29 8.53 -6.38
C ASP A 404 -14.98 7.51 -7.26
N SER A 405 -15.08 7.74 -8.59
CA SER A 405 -15.63 6.81 -9.57
C SER A 405 -14.99 7.21 -10.91
N PHE A 406 -15.12 6.34 -11.91
CA PHE A 406 -14.74 6.66 -13.27
C PHE A 406 -15.99 6.99 -14.08
N LYS A 407 -15.95 8.09 -14.82
N LYS A 407 -15.96 8.10 -14.80
CA LYS A 407 -16.92 8.27 -15.90
CA LYS A 407 -16.99 8.31 -15.84
C LYS A 407 -16.67 7.24 -16.99
C LYS A 407 -16.69 7.39 -17.04
N VAL A 408 -17.74 6.78 -17.62
CA VAL A 408 -17.56 5.89 -18.77
C VAL A 408 -17.35 6.74 -20.03
N LYS A 409 -16.29 6.44 -20.78
CA LYS A 409 -16.06 7.10 -22.07
C LYS A 409 -17.15 6.73 -23.08
N GLN A 410 -17.77 7.74 -23.70
CA GLN A 410 -18.92 7.44 -24.56
C GLN A 410 -18.50 6.71 -25.84
N LYS A 411 -17.39 7.12 -26.45
CA LYS A 411 -16.85 6.50 -27.64
C LYS A 411 -15.41 6.10 -27.37
N PHE A 412 -15.08 4.82 -27.57
CA PHE A 412 -13.85 4.24 -27.00
C PHE A 412 -12.60 4.96 -27.51
N PHE A 413 -12.56 5.27 -28.81
CA PHE A 413 -11.41 5.91 -29.45
C PHE A 413 -11.60 7.42 -29.58
N ALA A 414 -12.49 8.01 -28.79
CA ALA A 414 -12.82 9.43 -28.93
C ALA A 414 -12.02 10.28 -27.95
N GLY A 415 -12.04 11.59 -28.19
CA GLY A 415 -11.37 12.57 -27.37
C GLY A 415 -12.26 13.32 -26.40
N SER A 416 -12.51 12.69 -25.24
CA SER A 416 -13.40 13.19 -24.20
C SER A 416 -12.69 14.24 -23.37
N GLN A 417 -13.47 15.24 -22.90
CA GLN A 417 -12.91 16.46 -22.29
C GLN A 417 -12.14 16.21 -21.01
N GLU A 418 -12.21 15.02 -20.40
CA GLU A 418 -11.48 14.73 -19.16
C GLU A 418 -10.94 13.31 -19.21
N PRO A 419 -9.95 13.04 -20.08
CA PRO A 419 -9.43 11.66 -20.22
C PRO A 419 -8.93 11.04 -18.94
N MET A 420 -8.44 11.82 -17.99
CA MET A 420 -7.95 11.22 -16.75
C MET A 420 -9.09 10.83 -15.84
N ALA A 421 -10.31 11.28 -16.14
CA ALA A 421 -11.45 10.89 -15.34
C ALA A 421 -12.32 9.85 -16.04
N THR A 422 -11.99 9.49 -17.31
CA THR A 422 -12.95 8.89 -18.26
C THR A 422 -12.45 7.52 -18.77
N PHE A 423 -13.11 6.44 -18.34
CA PHE A 423 -12.53 5.12 -18.54
C PHE A 423 -13.03 4.51 -19.84
N PRO A 424 -12.14 3.94 -20.66
CA PRO A 424 -12.56 3.41 -21.96
C PRO A 424 -13.12 2.01 -21.84
N VAL A 425 -14.42 1.85 -21.61
CA VAL A 425 -15.09 0.56 -21.63
C VAL A 425 -15.27 0.11 -23.08
N PRO A 426 -14.78 -1.09 -23.46
CA PRO A 426 -14.70 -1.46 -24.89
C PRO A 426 -16.00 -1.99 -25.50
N TYR A 427 -17.10 -2.18 -24.75
CA TYR A 427 -18.34 -2.70 -25.28
C TYR A 427 -19.48 -1.86 -24.76
N ASP A 428 -20.65 -2.06 -25.38
CA ASP A 428 -21.78 -1.18 -25.16
C ASP A 428 -22.48 -1.45 -23.84
N LEU A 429 -22.93 -0.33 -23.20
CA LEU A 429 -23.79 -0.37 -22.03
C LEU A 429 -25.13 0.34 -22.30
N PRO A 430 -26.22 -0.17 -21.73
CA PRO A 430 -26.31 -1.40 -20.92
C PRO A 430 -26.18 -2.61 -21.86
N PRO A 431 -25.76 -3.74 -21.34
CA PRO A 431 -25.75 -4.94 -22.16
C PRO A 431 -27.17 -5.35 -22.47
N GLU A 432 -27.32 -6.02 -23.62
CA GLU A 432 -28.63 -6.40 -24.14
C GLU A 432 -28.88 -7.87 -23.85
N LEU A 433 -29.98 -8.17 -23.17
CA LEU A 433 -30.34 -9.57 -22.88
C LEU A 433 -30.54 -10.38 -24.17
N TYR A 434 -30.12 -11.65 -24.14
CA TYR A 434 -30.50 -12.54 -25.26
C TYR A 434 -31.99 -12.44 -25.53
N GLY A 435 -32.36 -12.53 -26.81
CA GLY A 435 -33.75 -12.73 -27.16
C GLY A 435 -34.20 -14.21 -26.99
N SER A 436 -35.50 -14.44 -27.12
CA SER A 436 -36.02 -15.79 -26.88
C SER A 436 -35.50 -16.76 -27.93
N LYS A 437 -35.05 -16.30 -29.10
CA LYS A 437 -34.53 -17.21 -30.10
C LYS A 437 -33.02 -17.33 -30.03
N ASP A 438 -32.39 -16.55 -29.17
CA ASP A 438 -30.93 -16.65 -29.07
C ASP A 438 -30.52 -17.82 -28.20
N ARG A 439 -29.31 -18.30 -28.44
CA ARG A 439 -28.70 -19.40 -27.69
C ARG A 439 -27.24 -19.06 -27.46
N PRO A 440 -26.66 -19.49 -26.33
CA PRO A 440 -25.22 -19.24 -26.15
C PRO A 440 -24.44 -20.05 -27.18
N TRP A 441 -23.34 -19.47 -27.65
CA TRP A 441 -22.45 -20.25 -28.51
C TRP A 441 -21.97 -21.49 -27.75
N ILE A 442 -22.20 -22.68 -28.33
CA ILE A 442 -21.75 -23.94 -27.81
C ILE A 442 -20.97 -24.59 -28.94
N TRP A 443 -19.68 -24.89 -28.69
CA TRP A 443 -18.80 -25.09 -29.83
C TRP A 443 -18.85 -26.48 -30.42
N ASN A 444 -19.44 -27.47 -29.75
CA ASN A 444 -19.34 -28.84 -30.27
C ASN A 444 -20.71 -29.40 -30.63
N ILE A 445 -21.62 -28.54 -31.09
CA ILE A 445 -22.84 -29.00 -31.76
C ILE A 445 -22.89 -28.30 -33.11
N PRO A 446 -23.60 -28.86 -34.08
CA PRO A 446 -23.60 -28.22 -35.41
C PRO A 446 -24.61 -27.09 -35.53
N TYR A 447 -24.28 -26.16 -36.42
CA TYR A 447 -25.16 -25.06 -36.81
C TYR A 447 -25.30 -25.12 -38.31
N VAL A 448 -26.46 -25.63 -38.75
CA VAL A 448 -26.67 -25.88 -40.17
C VAL A 448 -27.92 -25.17 -40.70
N LYS A 449 -28.42 -24.20 -39.95
CA LYS A 449 -29.59 -23.46 -40.44
C LYS A 449 -29.27 -22.26 -41.34
N ALA A 450 -28.18 -21.51 -41.06
CA ALA A 450 -27.90 -20.27 -41.81
C ALA A 450 -26.39 -20.14 -41.90
N PRO A 451 -25.83 -19.78 -43.06
CA PRO A 451 -24.38 -19.79 -43.19
C PRO A 451 -23.75 -18.53 -42.58
N ASP A 452 -22.43 -18.61 -42.40
CA ASP A 452 -21.71 -17.51 -41.74
C ASP A 452 -21.24 -16.52 -42.81
N THR A 453 -20.45 -15.54 -42.38
CA THR A 453 -20.01 -14.49 -43.27
C THR A 453 -19.08 -15.00 -44.36
N HIS A 454 -18.57 -16.22 -44.25
CA HIS A 454 -17.72 -16.76 -45.30
C HIS A 454 -18.46 -17.74 -46.17
N GLY A 455 -19.77 -17.93 -45.89
CA GLY A 455 -20.60 -18.85 -46.66
C GLY A 455 -20.66 -20.29 -46.15
N ASN A 456 -20.20 -20.56 -44.93
CA ASN A 456 -20.10 -21.93 -44.43
C ASN A 456 -21.05 -22.24 -43.26
N MET A 457 -21.31 -23.54 -43.04
CA MET A 457 -21.97 -24.00 -41.80
C MET A 457 -20.91 -24.44 -40.79
N TRP A 458 -21.34 -24.88 -39.62
CA TRP A 458 -20.44 -25.34 -38.57
C TRP A 458 -20.83 -26.79 -38.27
N VAL A 459 -19.94 -27.72 -38.59
CA VAL A 459 -20.20 -29.15 -38.43
C VAL A 459 -19.00 -29.74 -37.72
N PRO A 460 -18.95 -29.74 -36.38
CA PRO A 460 -17.81 -30.13 -35.55
C PRO A 460 -17.40 -31.58 -35.74
N ASN B 15 21.84 10.03 3.14
CA ASN B 15 20.83 9.39 3.97
C ASN B 15 19.44 9.52 3.39
N PRO B 16 18.71 8.42 3.36
CA PRO B 16 17.29 8.48 3.03
C PRO B 16 16.42 8.75 4.23
N PHE B 17 17.00 8.81 5.43
CA PHE B 17 16.07 8.64 6.53
C PHE B 17 15.48 9.96 7.00
N GLN B 18 16.23 11.06 6.91
CA GLN B 18 15.72 12.37 7.30
C GLN B 18 15.25 12.38 8.76
N PHE B 19 16.01 11.68 9.59
CA PHE B 19 15.81 11.66 11.02
C PHE B 19 16.92 12.52 11.64
N TYR B 20 16.52 13.51 12.42
CA TYR B 20 17.42 14.49 13.00
C TYR B 20 17.24 14.56 14.50
N LEU B 21 18.29 14.99 15.19
CA LEU B 21 18.14 15.48 16.56
C LEU B 21 18.10 16.99 16.59
N THR B 22 17.51 17.54 17.68
CA THR B 22 17.57 18.97 17.87
C THR B 22 18.95 19.41 18.33
N ARG B 23 19.27 20.65 18.04
CA ARG B 23 20.48 21.28 18.57
C ARG B 23 20.51 21.29 20.10
N VAL B 24 21.70 21.05 20.67
CA VAL B 24 21.91 21.08 22.13
C VAL B 24 22.92 22.15 22.45
N SER B 25 22.50 23.13 23.25
N SER B 25 22.52 23.13 23.26
CA SER B 25 23.42 24.12 23.80
CA SER B 25 23.46 24.16 23.70
C SER B 25 24.42 23.45 24.74
C SER B 25 24.38 23.62 24.78
N GLY B 26 25.68 23.75 24.56
CA GLY B 26 26.62 23.33 25.58
C GLY B 26 27.32 22.03 25.33
N VAL B 27 27.08 21.40 24.17
CA VAL B 27 27.98 20.36 23.70
C VAL B 27 28.88 20.92 22.59
N LYS B 28 29.98 20.20 22.33
CA LYS B 28 30.88 20.64 21.28
C LYS B 28 30.18 20.76 19.93
N PRO B 29 30.59 21.70 19.07
CA PRO B 29 29.89 21.88 17.79
C PRO B 29 29.80 20.61 16.94
N LYS B 30 30.81 19.72 17.02
CA LYS B 30 30.79 18.48 16.25
C LYS B 30 29.52 17.69 16.50
N TYR B 31 28.97 17.77 17.71
CA TYR B 31 27.72 17.11 18.03
C TYR B 31 26.47 17.87 17.60
N ASN B 32 26.60 19.05 16.98
CA ASN B 32 25.44 19.75 16.45
C ASN B 32 25.51 19.85 14.93
N SER B 33 26.59 19.29 14.34
N SER B 33 26.51 19.28 14.25
CA SER B 33 26.79 19.14 12.90
CA SER B 33 26.65 19.67 12.82
C SER B 33 25.96 17.94 12.44
C SER B 33 25.44 19.28 11.95
N GLY B 34 24.72 18.22 12.30
CA GLY B 34 23.72 17.57 11.48
C GLY B 34 22.43 17.72 12.25
N ALA B 35 22.46 18.50 13.34
CA ALA B 35 21.29 18.72 14.16
C ALA B 35 20.49 19.95 13.67
N LEU B 36 19.22 20.02 14.02
CA LEU B 36 18.34 21.11 13.56
C LEU B 36 17.75 21.87 14.74
N HIS B 37 17.77 23.19 14.67
CA HIS B 37 17.00 24.01 15.59
C HIS B 37 15.68 24.39 14.92
N ILE B 38 14.72 24.83 15.72
CA ILE B 38 13.44 25.17 15.10
C ILE B 38 13.62 26.31 14.08
N LYS B 39 14.53 27.25 14.34
CA LYS B 39 14.81 28.30 13.35
C LYS B 39 15.31 27.76 12.03
N ASP B 40 16.02 26.63 12.03
CA ASP B 40 16.49 26.04 10.78
C ASP B 40 15.31 25.48 10.02
N ILE B 41 14.40 24.83 10.75
CA ILE B 41 13.26 24.19 10.11
C ILE B 41 12.41 25.21 9.39
N LEU B 42 12.25 26.39 9.99
CA LEU B 42 11.36 27.43 9.47
C LEU B 42 12.05 28.40 8.55
N SER B 43 13.32 28.17 8.23
N SER B 43 13.34 28.25 8.28
CA SER B 43 14.12 29.08 7.42
CA SER B 43 14.06 29.23 7.48
C SER B 43 13.59 29.18 6.00
C SER B 43 13.55 29.26 6.04
N PRO B 44 13.82 30.32 5.33
N PRO B 44 13.80 30.36 5.32
CA PRO B 44 13.44 30.42 3.90
CA PRO B 44 13.41 30.40 3.90
C PRO B 44 14.16 29.41 3.02
C PRO B 44 14.14 29.38 3.04
N LEU B 45 15.29 28.89 3.48
CA LEU B 45 15.97 27.80 2.79
C LEU B 45 15.10 26.55 2.68
N PHE B 46 14.15 26.34 3.59
CA PHE B 46 13.29 25.16 3.51
C PHE B 46 12.08 25.39 2.60
N GLY B 47 11.76 26.63 2.28
CA GLY B 47 10.61 26.94 1.44
C GLY B 47 10.12 28.34 1.73
N THR B 48 9.32 28.88 0.79
CA THR B 48 8.73 30.21 0.95
C THR B 48 7.35 30.04 1.60
N LEU B 49 7.26 30.31 2.89
CA LEU B 49 6.11 29.91 3.67
C LEU B 49 4.88 30.75 3.38
N VAL B 50 3.77 30.08 3.15
N VAL B 50 3.71 30.13 3.23
CA VAL B 50 2.46 30.68 2.96
CA VAL B 50 2.50 30.92 3.17
C VAL B 50 1.62 30.61 4.22
C VAL B 50 1.49 30.58 4.27
N SER B 51 1.65 29.48 4.93
N SER B 51 1.57 29.42 4.92
CA SER B 51 0.87 29.27 6.14
CA SER B 51 0.70 29.11 6.04
C SER B 51 1.40 28.00 6.83
C SER B 51 1.30 27.92 6.79
N SER B 52 1.01 27.82 8.09
CA SER B 52 1.50 26.67 8.86
C SER B 52 0.49 26.27 9.91
N ALA B 53 0.56 25.01 10.31
CA ALA B 53 -0.16 24.47 11.46
C ALA B 53 0.85 23.88 12.42
N GLN B 54 0.70 24.21 13.69
CA GLN B 54 1.55 23.66 14.76
C GLN B 54 0.67 22.84 15.71
N PHE B 55 0.80 21.51 15.62
CA PHE B 55 0.19 20.59 16.57
C PHE B 55 1.15 20.44 17.73
N ASN B 56 0.66 20.64 18.94
CA ASN B 56 1.56 20.43 20.06
C ASN B 56 0.77 20.26 21.33
N TYR B 57 1.50 20.10 22.46
CA TYR B 57 0.94 20.00 23.79
C TYR B 57 1.06 21.34 24.51
N CYS B 58 2.29 21.85 24.64
N CYS B 58 2.29 21.84 24.64
CA CYS B 58 2.60 23.10 25.32
CA CYS B 58 2.60 23.11 25.29
C CYS B 58 3.18 24.12 24.36
C CYS B 58 3.15 24.12 24.31
N PHE B 59 2.72 25.38 24.47
CA PHE B 59 3.07 26.48 23.58
C PHE B 59 3.49 27.67 24.42
N ASP B 60 4.59 28.33 24.01
CA ASP B 60 4.90 29.73 24.39
C ASP B 60 4.82 30.52 23.09
N VAL B 61 3.70 31.24 22.91
CA VAL B 61 3.39 31.85 21.62
C VAL B 61 4.37 32.96 21.29
N ASP B 62 4.74 33.80 22.28
CA ASP B 62 5.72 34.84 21.99
C ASP B 62 7.02 34.25 21.45
N TRP B 63 7.52 33.19 22.10
CA TRP B 63 8.75 32.56 21.68
C TRP B 63 8.58 31.95 20.28
N LEU B 64 7.45 31.26 20.07
CA LEU B 64 7.22 30.57 18.81
C LEU B 64 7.26 31.54 17.65
N VAL B 65 6.55 32.65 17.78
CA VAL B 65 6.52 33.58 16.67
C VAL B 65 7.92 34.08 16.34
N LYS B 66 8.75 34.29 17.36
CA LYS B 66 10.14 34.68 17.15
C LYS B 66 10.97 33.63 16.40
N GLN B 67 10.52 32.36 16.34
CA GLN B 67 11.31 31.36 15.63
C GLN B 67 11.06 31.38 14.14
N TYR B 68 10.00 31.98 13.70
CA TYR B 68 9.72 32.19 12.28
C TYR B 68 10.59 33.32 11.76
N PRO B 69 11.12 33.21 10.54
CA PRO B 69 11.91 34.34 9.96
C PRO B 69 11.06 35.59 9.94
N PRO B 70 11.65 36.78 10.15
CA PRO B 70 10.80 37.98 10.18
C PRO B 70 9.89 38.13 8.97
N GLU B 71 10.36 37.77 7.77
CA GLU B 71 9.51 37.89 6.57
C GLU B 71 8.28 36.97 6.61
N PHE B 72 8.34 35.85 7.36
CA PHE B 72 7.17 34.94 7.43
C PHE B 72 6.34 35.13 8.70
N ARG B 73 6.67 36.11 9.54
CA ARG B 73 6.04 36.17 10.84
C ARG B 73 4.57 36.58 10.83
N LYS B 74 4.09 37.18 9.75
CA LYS B 74 2.68 37.55 9.62
C LYS B 74 1.83 36.49 8.95
N LYS B 75 2.42 35.42 8.39
CA LYS B 75 1.60 34.43 7.68
C LYS B 75 0.72 33.69 8.68
N PRO B 76 -0.42 33.16 8.22
CA PRO B 76 -1.35 32.47 9.14
C PRO B 76 -0.70 31.27 9.82
N ILE B 77 -0.97 31.11 11.11
CA ILE B 77 -0.55 29.97 11.93
C ILE B 77 -1.79 29.42 12.64
N LEU B 78 -2.00 28.11 12.59
CA LEU B 78 -3.03 27.41 13.34
C LEU B 78 -2.37 26.63 14.47
N LEU B 79 -2.76 26.89 15.73
CA LEU B 79 -2.26 26.13 16.87
C LEU B 79 -3.28 25.04 17.17
N VAL B 80 -2.88 23.77 17.07
CA VAL B 80 -3.79 22.67 17.40
C VAL B 80 -3.39 22.16 18.76
N HIS B 81 -4.27 22.25 19.74
CA HIS B 81 -3.96 21.97 21.14
C HIS B 81 -5.10 21.18 21.81
N GLY B 82 -4.90 20.80 23.08
CA GLY B 82 -5.96 20.06 23.79
C GLY B 82 -6.45 20.72 25.06
N ASP B 83 -6.07 21.96 25.31
CA ASP B 83 -6.39 22.64 26.56
C ASP B 83 -7.88 22.94 26.74
N LYS B 84 -8.32 22.92 27.99
CA LYS B 84 -9.71 23.18 28.38
C LYS B 84 -9.77 24.24 29.47
N ARG B 85 -10.98 24.75 29.65
CA ARG B 85 -11.34 25.60 30.79
C ARG B 85 -10.31 26.73 30.99
N GLU B 86 -9.70 26.83 32.19
CA GLU B 86 -8.80 27.95 32.46
C GLU B 86 -7.49 27.85 31.67
N ALA B 87 -7.02 26.63 31.40
CA ALA B 87 -5.85 26.45 30.53
C ALA B 87 -6.13 26.94 29.10
N LYS B 88 -7.31 26.63 28.58
CA LYS B 88 -7.68 27.10 27.23
C LYS B 88 -7.72 28.62 27.16
N ALA B 89 -8.29 29.25 28.20
CA ALA B 89 -8.32 30.73 28.23
C ALA B 89 -6.90 31.29 28.22
N HIS B 90 -5.99 30.67 28.97
CA HIS B 90 -4.62 31.18 28.98
C HIS B 90 -4.00 31.15 27.60
N LEU B 91 -4.27 30.08 26.82
CA LEU B 91 -3.66 29.95 25.50
C LEU B 91 -4.22 30.98 24.52
N HIS B 92 -5.55 31.20 24.54
CA HIS B 92 -6.13 32.27 23.73
C HIS B 92 -5.52 33.64 24.10
N ALA B 93 -5.28 33.91 25.39
CA ALA B 93 -4.66 35.16 25.80
C ALA B 93 -3.26 35.31 25.24
N GLN B 94 -2.48 34.20 25.17
CA GLN B 94 -1.14 34.28 24.60
C GLN B 94 -1.22 34.66 23.12
N ALA B 95 -2.19 34.09 22.41
CA ALA B 95 -2.27 34.31 20.97
C ALA B 95 -2.90 35.65 20.60
N LYS B 96 -3.57 36.30 21.54
CA LYS B 96 -4.41 37.47 21.18
C LYS B 96 -3.66 38.58 20.45
N PRO B 97 -2.43 38.96 20.86
CA PRO B 97 -1.68 40.01 20.13
C PRO B 97 -1.36 39.71 18.68
N TYR B 98 -1.43 38.45 18.21
CA TYR B 98 -1.04 38.07 16.87
C TYR B 98 -2.30 37.73 16.09
N GLU B 99 -2.73 38.67 15.25
CA GLU B 99 -3.98 38.53 14.55
C GLU B 99 -3.95 37.41 13.54
N ASN B 100 -2.76 36.91 13.18
CA ASN B 100 -2.63 35.84 12.20
C ASN B 100 -2.71 34.47 12.83
N ILE B 101 -2.83 34.38 14.14
CA ILE B 101 -2.85 33.10 14.81
C ILE B 101 -4.30 32.69 15.07
N SER B 102 -4.68 31.51 14.57
N SER B 102 -4.68 31.51 14.57
CA SER B 102 -5.93 30.87 14.91
CA SER B 102 -5.93 30.88 14.92
C SER B 102 -5.66 29.63 15.76
C SER B 102 -5.66 29.64 15.76
N LEU B 103 -6.71 29.17 16.44
CA LEU B 103 -6.59 28.04 17.36
C LEU B 103 -7.62 26.96 17.04
N CYS B 104 -7.23 25.70 17.25
CA CYS B 104 -8.12 24.55 17.12
C CYS B 104 -8.00 23.71 18.38
N GLN B 105 -9.09 23.57 19.14
CA GLN B 105 -9.10 22.75 20.35
C GLN B 105 -9.52 21.32 20.00
N ALA B 106 -8.56 20.41 20.04
CA ALA B 106 -8.83 19.00 19.82
C ALA B 106 -9.74 18.42 20.90
N LYS B 107 -10.78 17.70 20.49
CA LYS B 107 -11.70 17.12 21.47
C LYS B 107 -11.04 15.96 22.23
N LEU B 108 -11.17 16.00 23.56
CA LEU B 108 -10.69 14.97 24.48
C LEU B 108 -11.88 14.44 25.29
N ASP B 109 -12.67 13.57 24.64
CA ASP B 109 -13.91 13.01 25.17
C ASP B 109 -13.68 11.92 26.22
N ILE B 110 -12.49 11.36 26.30
CA ILE B 110 -12.21 10.32 27.29
C ILE B 110 -11.36 10.94 28.39
N ALA B 111 -11.69 10.62 29.62
CA ALA B 111 -11.02 11.24 30.77
C ALA B 111 -9.53 10.86 30.79
N PHE B 112 -8.73 11.79 31.28
CA PHE B 112 -7.29 11.64 31.45
C PHE B 112 -6.55 11.49 30.14
N GLY B 113 -7.13 11.92 29.01
CA GLY B 113 -6.37 11.98 27.78
C GLY B 113 -5.79 13.35 27.54
N THR B 114 -4.79 13.38 26.63
N THR B 114 -4.80 13.41 26.65
CA THR B 114 -4.02 14.58 26.34
CA THR B 114 -4.21 14.68 26.30
C THR B 114 -3.74 14.67 24.85
C THR B 114 -3.96 14.73 24.81
N HIS B 115 -3.60 15.90 24.35
CA HIS B 115 -3.21 16.11 22.96
C HIS B 115 -1.70 16.19 22.96
N HIS B 116 -1.04 15.06 22.68
CA HIS B 116 0.42 15.00 22.78
C HIS B 116 1.12 15.10 21.43
N THR B 117 0.39 14.97 20.32
CA THR B 117 1.00 14.96 19.00
C THR B 117 1.78 16.22 18.72
N LYS B 118 3.01 16.06 18.15
CA LYS B 118 3.87 17.20 17.82
C LYS B 118 4.15 17.13 16.32
N MET B 119 3.56 18.05 15.58
CA MET B 119 3.66 18.02 14.13
C MET B 119 3.57 19.44 13.58
N MET B 120 4.33 19.68 12.51
CA MET B 120 4.20 20.93 11.77
C MET B 120 3.71 20.60 10.37
N LEU B 121 2.72 21.35 9.92
CA LEU B 121 2.34 21.33 8.49
C LEU B 121 2.78 22.68 7.92
N LEU B 122 3.65 22.65 6.92
CA LEU B 122 4.26 23.88 6.38
C LEU B 122 3.89 23.98 4.89
N LEU B 123 3.08 24.99 4.54
CA LEU B 123 2.65 25.19 3.16
C LEU B 123 3.49 26.30 2.56
N TYR B 124 4.16 26.00 1.42
CA TYR B 124 5.07 26.90 0.72
C TYR B 124 4.52 27.23 -0.65
N GLU B 125 5.11 28.29 -1.24
CA GLU B 125 4.84 28.54 -2.66
C GLU B 125 5.29 27.37 -3.51
N GLU B 126 6.28 26.60 -3.04
CA GLU B 126 6.90 25.53 -3.80
C GLU B 126 6.30 24.17 -3.55
N GLY B 127 5.47 24.02 -2.53
CA GLY B 127 4.99 22.70 -2.17
C GLY B 127 4.61 22.67 -0.71
N LEU B 128 4.68 21.47 -0.13
CA LEU B 128 4.16 21.21 1.21
C LEU B 128 5.18 20.36 1.97
N ARG B 129 5.44 20.67 3.24
CA ARG B 129 6.29 19.81 4.04
C ARG B 129 5.55 19.41 5.32
N VAL B 130 5.83 18.20 5.79
CA VAL B 130 5.30 17.70 7.06
C VAL B 130 6.49 17.42 7.97
N VAL B 131 6.43 17.88 9.21
CA VAL B 131 7.47 17.63 10.21
C VAL B 131 6.82 16.93 11.38
N ILE B 132 7.30 15.75 11.75
CA ILE B 132 6.75 15.05 12.91
C ILE B 132 7.90 14.95 13.89
N HIS B 133 7.68 15.37 15.13
CA HIS B 133 8.83 15.56 16.03
C HIS B 133 8.39 15.34 17.45
N THR B 134 9.27 15.61 18.42
CA THR B 134 8.99 15.27 19.82
C THR B 134 8.99 16.46 20.78
N SER B 135 9.25 17.68 20.29
CA SER B 135 9.44 18.83 21.20
C SER B 135 8.18 19.70 21.42
N ASN B 136 7.95 20.10 22.66
CA ASN B 136 7.00 21.19 22.91
C ASN B 136 7.51 22.51 22.31
N LEU B 137 6.59 23.45 22.07
CA LEU B 137 6.98 24.74 21.47
C LEU B 137 7.27 25.75 22.58
N ILE B 138 8.32 25.43 23.34
CA ILE B 138 8.82 26.28 24.40
C ILE B 138 10.35 26.25 24.34
N HIS B 139 10.99 27.33 24.82
CA HIS B 139 12.44 27.43 24.69
C HIS B 139 13.14 26.23 25.28
N ALA B 140 12.70 25.79 26.47
CA ALA B 140 13.47 24.74 27.17
C ALA B 140 13.47 23.41 26.44
N ASP B 141 12.45 23.13 25.62
CA ASP B 141 12.46 21.84 24.94
C ASP B 141 13.46 21.79 23.79
N TRP B 142 13.95 22.93 23.30
CA TRP B 142 14.92 22.92 22.20
C TRP B 142 16.31 23.34 22.64
N HIS B 143 16.53 23.49 23.96
CA HIS B 143 17.79 24.02 24.48
C HIS B 143 18.78 22.92 24.83
N GLN B 144 18.48 22.08 25.84
CA GLN B 144 19.48 21.08 26.32
C GLN B 144 18.89 19.68 26.40
N LYS B 145 17.90 19.34 25.58
CA LYS B 145 17.30 18.02 25.61
C LYS B 145 17.65 17.24 24.36
N THR B 146 17.57 15.91 24.47
CA THR B 146 17.61 15.04 23.28
C THR B 146 16.19 14.93 22.73
N GLN B 147 15.97 15.45 21.53
CA GLN B 147 14.64 15.44 20.87
C GLN B 147 14.84 14.89 19.46
N GLY B 148 13.78 14.34 18.88
CA GLY B 148 13.87 13.78 17.51
C GLY B 148 12.96 14.53 16.55
N ILE B 149 13.38 14.52 15.26
CA ILE B 149 12.65 15.21 14.19
C ILE B 149 12.68 14.32 12.97
N TRP B 150 11.53 14.14 12.34
CA TRP B 150 11.47 13.56 10.98
C TRP B 150 10.99 14.67 10.05
N LEU B 151 11.76 14.90 8.96
CA LEU B 151 11.41 15.90 7.94
C LEU B 151 10.95 15.21 6.68
N SER B 152 9.72 15.51 6.25
CA SER B 152 9.28 14.99 4.96
C SER B 152 10.08 15.61 3.82
N PRO B 153 10.01 14.99 2.65
CA PRO B 153 10.42 15.66 1.42
C PRO B 153 9.57 16.90 1.21
N LEU B 154 10.05 17.76 0.34
CA LEU B 154 9.22 18.81 -0.24
C LEU B 154 8.24 18.16 -1.22
N TYR B 155 6.95 18.24 -0.87
CA TYR B 155 5.92 17.60 -1.69
C TYR B 155 5.43 18.60 -2.72
N PRO B 156 5.54 18.33 -4.02
CA PRO B 156 5.04 19.28 -5.03
C PRO B 156 3.52 19.25 -5.13
N ARG B 157 2.95 20.34 -5.64
CA ARG B 157 1.50 20.36 -5.88
C ARG B 157 1.19 19.46 -7.09
N ILE B 158 0.01 18.85 -7.08
CA ILE B 158 -0.47 18.15 -8.28
C ILE B 158 -1.03 19.17 -9.26
N ALA B 159 -0.62 19.05 -10.53
CA ALA B 159 -0.95 20.02 -11.58
C ALA B 159 -2.47 20.22 -11.75
N ASP B 160 -2.84 21.46 -12.11
CA ASP B 160 -4.22 21.78 -12.50
C ASP B 160 -4.79 20.74 -13.44
N GLY B 161 -6.02 20.32 -13.18
CA GLY B 161 -6.67 19.37 -14.07
C GLY B 161 -6.07 17.98 -14.11
N THR B 162 -5.09 17.70 -13.27
CA THR B 162 -4.52 16.36 -13.14
C THR B 162 -5.25 15.57 -12.07
N HIS B 163 -5.66 14.35 -12.42
CA HIS B 163 -6.14 13.32 -11.47
C HIS B 163 -5.03 12.28 -11.25
N LYS B 164 -4.25 12.47 -10.19
CA LYS B 164 -3.32 11.45 -9.68
C LYS B 164 -3.59 11.26 -8.19
N SER B 165 -3.21 10.10 -7.65
CA SER B 165 -3.44 9.91 -6.21
C SER B 165 -2.47 10.71 -5.36
N GLY B 166 -1.23 10.87 -5.82
CA GLY B 166 -0.16 11.37 -4.98
C GLY B 166 0.15 10.53 -3.76
N GLU B 167 -0.16 9.24 -3.80
CA GLU B 167 0.05 8.36 -2.65
C GLU B 167 1.41 7.65 -2.72
N SER B 168 1.96 7.38 -1.56
CA SER B 168 3.22 6.65 -1.46
C SER B 168 3.00 5.16 -1.22
N PRO B 169 4.03 4.33 -1.42
CA PRO B 169 3.86 2.90 -1.13
C PRO B 169 3.57 2.61 0.33
N THR B 170 3.82 3.57 1.21
CA THR B 170 3.50 3.35 2.62
C THR B 170 2.11 3.88 3.00
N HIS B 171 1.32 4.39 2.03
CA HIS B 171 -0.03 4.89 2.28
C HIS B 171 -0.02 6.12 3.19
N PHE B 172 1.09 6.85 3.23
CA PHE B 172 1.20 7.95 4.19
C PHE B 172 0.16 9.05 3.93
N LYS B 173 -0.17 9.33 2.66
CA LYS B 173 -1.07 10.44 2.40
C LYS B 173 -2.47 10.14 2.95
N ALA B 174 -3.00 8.96 2.61
CA ALA B 174 -4.31 8.58 3.15
C ALA B 174 -4.26 8.46 4.67
N ASP B 175 -3.17 7.91 5.20
CA ASP B 175 -3.11 7.74 6.64
C ASP B 175 -3.04 9.08 7.38
N LEU B 176 -2.31 10.07 6.84
CA LEU B 176 -2.26 11.40 7.45
C LEU B 176 -3.63 12.09 7.38
N ILE B 177 -4.34 11.93 6.25
CA ILE B 177 -5.67 12.48 6.13
C ILE B 177 -6.58 11.81 7.13
N SER B 178 -6.49 10.48 7.28
N SER B 178 -6.48 10.49 7.26
CA SER B 178 -7.31 9.78 8.26
CA SER B 178 -7.30 9.78 8.26
C SER B 178 -7.04 10.27 9.68
C SER B 178 -7.04 10.30 9.67
N TYR B 179 -5.77 10.55 10.00
CA TYR B 179 -5.41 11.04 11.33
C TYR B 179 -6.10 12.39 11.56
N LEU B 180 -6.04 13.26 10.57
CA LEU B 180 -6.63 14.60 10.71
C LEU B 180 -8.15 14.53 10.74
N MET B 181 -8.74 13.58 9.99
N MET B 181 -8.73 13.58 9.98
CA MET B 181 -10.21 13.45 9.98
CA MET B 181 -10.19 13.40 9.96
C MET B 181 -10.75 13.10 11.36
C MET B 181 -10.72 13.11 11.36
N ALA B 182 -9.94 12.41 12.18
CA ALA B 182 -10.39 12.02 13.51
C ALA B 182 -10.67 13.21 14.42
N TYR B 183 -10.08 14.39 14.14
CA TYR B 183 -10.37 15.57 14.95
C TYR B 183 -11.77 16.16 14.70
N ASN B 184 -12.36 15.87 13.54
CA ASN B 184 -13.66 16.41 13.17
C ASN B 184 -13.69 17.93 13.36
N ALA B 185 -12.66 18.59 12.83
CA ALA B 185 -12.41 20.01 13.09
C ALA B 185 -12.39 20.80 11.79
N PRO B 186 -13.19 21.88 11.67
CA PRO B 186 -13.23 22.59 10.38
C PRO B 186 -11.91 23.21 9.97
N SER B 187 -11.08 23.67 10.94
CA SER B 187 -9.81 24.24 10.53
C SER B 187 -8.89 23.16 9.96
N LEU B 188 -9.05 21.91 10.39
CA LEU B 188 -8.20 20.83 9.88
C LEU B 188 -8.73 20.34 8.55
N LYS B 189 -10.05 20.45 8.31
CA LYS B 189 -10.56 20.09 6.98
C LYS B 189 -9.90 20.94 5.90
N GLU B 190 -9.56 22.20 6.21
CA GLU B 190 -8.80 23.01 5.27
C GLU B 190 -7.43 22.40 4.98
N TRP B 191 -6.77 21.89 6.02
CA TRP B 191 -5.44 21.28 5.81
C TRP B 191 -5.57 19.96 5.09
N ILE B 192 -6.67 19.22 5.30
CA ILE B 192 -6.87 17.99 4.53
C ILE B 192 -6.95 18.33 3.05
N ASP B 193 -7.64 19.42 2.72
CA ASP B 193 -7.80 19.76 1.32
C ASP B 193 -6.47 20.21 0.70
N VAL B 194 -5.64 20.91 1.48
CA VAL B 194 -4.27 21.19 1.07
C VAL B 194 -3.52 19.88 0.78
N ILE B 195 -3.55 18.95 1.72
CA ILE B 195 -2.83 17.70 1.52
C ILE B 195 -3.32 16.98 0.25
N HIS B 196 -4.64 16.93 0.04
CA HIS B 196 -5.17 16.28 -1.17
C HIS B 196 -4.53 16.85 -2.43
N LYS B 197 -4.23 18.16 -2.45
CA LYS B 197 -3.69 18.81 -3.64
C LYS B 197 -2.19 18.56 -3.85
N HIS B 198 -1.52 17.82 -2.97
CA HIS B 198 -0.09 17.62 -3.10
C HIS B 198 0.26 16.15 -3.33
N ASP B 199 1.46 15.95 -3.84
CA ASP B 199 1.99 14.62 -4.27
C ASP B 199 2.93 14.17 -3.16
N LEU B 200 2.46 13.23 -2.33
CA LEU B 200 3.25 12.70 -1.22
C LEU B 200 3.88 11.36 -1.54
N SER B 201 4.05 11.06 -2.82
CA SER B 201 4.44 9.70 -3.21
C SER B 201 5.88 9.34 -2.84
N GLU B 202 6.75 10.30 -2.58
CA GLU B 202 8.13 9.99 -2.18
C GLU B 202 8.26 9.54 -0.74
N THR B 203 7.20 9.51 0.04
CA THR B 203 7.31 9.26 1.48
C THR B 203 7.60 7.79 1.72
N ASN B 204 8.65 7.54 2.50
N ASN B 204 8.61 7.49 2.52
CA ASN B 204 9.13 6.17 2.76
CA ASN B 204 8.98 6.10 2.77
C ASN B 204 8.85 5.69 4.19
C ASN B 204 8.99 5.77 4.26
N VAL B 205 8.19 6.50 5.04
CA VAL B 205 7.86 6.12 6.42
C VAL B 205 6.37 5.79 6.49
N TYR B 206 6.01 4.97 7.49
CA TYR B 206 4.61 4.69 7.84
C TYR B 206 4.16 5.57 9.00
N LEU B 207 2.95 6.09 8.94
CA LEU B 207 2.43 6.87 10.06
C LEU B 207 1.81 5.97 11.15
N ILE B 208 2.12 6.24 12.42
CA ILE B 208 1.52 5.49 13.54
C ILE B 208 0.90 6.51 14.47
N GLY B 209 -0.41 6.61 14.44
CA GLY B 209 -1.11 7.57 15.27
C GLY B 209 -1.94 6.93 16.34
N SER B 210 -2.24 7.71 17.39
CA SER B 210 -3.29 7.40 18.33
C SER B 210 -4.27 8.55 18.34
N THR B 211 -5.55 8.23 18.51
N THR B 211 -5.56 8.23 18.45
CA THR B 211 -6.63 9.20 18.65
CA THR B 211 -6.58 9.24 18.69
C THR B 211 -7.62 8.65 19.66
C THR B 211 -7.49 8.67 19.75
N PRO B 212 -8.25 9.52 20.45
CA PRO B 212 -9.12 9.01 21.53
C PRO B 212 -10.30 8.23 20.99
N GLY B 213 -10.58 7.11 21.64
CA GLY B 213 -11.74 6.34 21.23
C GLY B 213 -11.79 4.95 21.80
N ARG B 214 -12.87 4.26 21.45
N ARG B 214 -12.87 4.26 21.46
CA ARG B 214 -13.12 2.87 21.79
CA ARG B 214 -13.09 2.86 21.80
C ARG B 214 -13.30 2.22 20.42
C ARG B 214 -13.32 2.18 20.45
N PHE B 215 -12.31 1.47 19.98
CA PHE B 215 -12.25 0.99 18.61
C PHE B 215 -12.55 -0.50 18.55
N GLN B 216 -13.46 -0.91 17.65
CA GLN B 216 -13.78 -2.32 17.54
C GLN B 216 -13.67 -2.78 16.11
N GLY B 217 -13.59 -4.10 15.96
CA GLY B 217 -13.60 -4.66 14.63
C GLY B 217 -12.38 -4.21 13.87
N SER B 218 -12.58 -3.86 12.61
CA SER B 218 -11.47 -3.44 11.77
C SER B 218 -10.79 -2.21 12.34
N GLN B 219 -11.59 -1.30 12.92
CA GLN B 219 -11.09 -0.02 13.39
C GLN B 219 -9.98 -0.19 14.43
N LYS B 220 -9.91 -1.34 15.12
CA LYS B 220 -8.86 -1.58 16.11
C LYS B 220 -7.48 -1.46 15.50
N ASP B 221 -7.32 -1.87 14.23
CA ASP B 221 -6.00 -1.83 13.63
C ASP B 221 -5.59 -0.45 13.17
N ASN B 222 -6.45 0.55 13.36
CA ASN B 222 -6.12 1.88 12.88
C ASN B 222 -5.15 2.62 13.79
N TRP B 223 -5.04 2.26 15.07
CA TRP B 223 -4.40 3.16 16.01
C TRP B 223 -3.54 2.41 17.02
N GLY B 224 -2.60 3.17 17.61
CA GLY B 224 -1.96 2.66 18.80
C GLY B 224 -1.16 1.40 18.54
N HIS B 225 -1.11 0.52 19.55
CA HIS B 225 -0.22 -0.62 19.42
C HIS B 225 -0.78 -1.66 18.46
N PHE B 226 -2.09 -1.64 18.20
CA PHE B 226 -2.63 -2.52 17.16
C PHE B 226 -2.24 -2.02 15.77
N ARG B 227 -2.06 -0.70 15.58
CA ARG B 227 -1.58 -0.19 14.32
C ARG B 227 -0.15 -0.63 14.06
N LEU B 228 0.72 -0.50 15.06
CA LEU B 228 2.08 -1.03 14.98
C LEU B 228 2.08 -2.50 14.63
N LYS B 229 1.26 -3.29 15.35
CA LYS B 229 1.23 -4.73 15.11
C LYS B 229 0.81 -5.06 13.67
N LYS B 230 -0.21 -4.37 13.15
CA LYS B 230 -0.66 -4.61 11.77
C LYS B 230 0.45 -4.28 10.75
N LEU B 231 1.16 -3.16 10.97
CA LEU B 231 2.27 -2.79 10.07
C LEU B 231 3.39 -3.83 10.12
N LEU B 232 3.73 -4.30 11.31
CA LEU B 232 4.79 -5.31 11.42
C LEU B 232 4.39 -6.65 10.79
N LYS B 233 3.11 -6.99 10.85
CA LYS B 233 2.66 -8.22 10.27
C LYS B 233 2.73 -8.12 8.76
N ASP B 234 2.34 -6.96 8.20
CA ASP B 234 2.16 -6.86 6.74
C ASP B 234 3.43 -6.45 6.00
N HIS B 235 4.40 -5.81 6.67
CA HIS B 235 5.50 -5.15 5.98
C HIS B 235 6.87 -5.48 6.54
N ALA B 236 6.94 -6.37 7.53
CA ALA B 236 8.20 -6.87 8.05
C ALA B 236 8.20 -8.38 7.86
N SER B 237 9.39 -8.97 7.90
CA SER B 237 9.50 -10.41 7.76
C SER B 237 10.10 -10.98 9.04
N SER B 238 9.66 -12.17 9.42
CA SER B 238 10.35 -12.78 10.56
C SER B 238 11.63 -13.44 10.05
N MET B 239 12.64 -13.48 10.92
CA MET B 239 13.96 -14.05 10.65
C MET B 239 14.21 -15.26 11.53
N PRO B 240 15.21 -16.08 11.22
CA PRO B 240 15.56 -17.18 12.12
C PRO B 240 15.98 -16.63 13.47
N ASN B 241 15.59 -17.34 14.53
CA ASN B 241 15.94 -16.94 15.90
C ASN B 241 15.38 -15.56 16.26
N ALA B 242 14.15 -15.27 15.80
CA ALA B 242 13.54 -13.97 16.11
C ALA B 242 13.37 -13.76 17.61
N GLU B 243 13.12 -14.84 18.38
CA GLU B 243 12.98 -14.74 19.84
C GLU B 243 14.24 -14.18 20.49
N SER B 244 15.35 -14.14 19.76
CA SER B 244 16.59 -13.63 20.30
C SER B 244 16.76 -12.12 20.06
N TRP B 245 15.93 -11.52 19.19
CA TRP B 245 16.07 -10.10 18.88
C TRP B 245 15.29 -9.31 19.92
N PRO B 246 15.96 -8.51 20.74
CA PRO B 246 15.26 -7.77 21.80
C PRO B 246 14.31 -6.73 21.25
N VAL B 247 13.44 -6.27 22.13
CA VAL B 247 12.64 -5.04 21.93
C VAL B 247 13.24 -3.99 22.85
N VAL B 248 13.44 -2.78 22.32
CA VAL B 248 13.89 -1.64 23.12
C VAL B 248 12.79 -0.58 23.10
N GLY B 249 12.41 -0.07 24.28
CA GLY B 249 11.52 1.10 24.36
C GLY B 249 12.21 2.17 25.19
N GLN B 250 12.09 3.42 24.77
CA GLN B 250 12.87 4.51 25.36
C GLN B 250 11.90 5.68 25.46
N PHE B 251 11.72 6.26 26.66
CA PHE B 251 10.58 7.16 26.86
C PHE B 251 10.90 8.14 27.97
N SER B 252 10.03 9.15 28.10
CA SER B 252 10.26 10.21 29.07
C SER B 252 9.24 10.20 30.18
N SER B 253 8.26 9.29 30.16
CA SER B 253 7.23 9.21 31.17
C SER B 253 6.69 7.79 31.16
N VAL B 254 6.08 7.42 32.29
CA VAL B 254 5.60 6.07 32.56
C VAL B 254 4.20 6.20 33.14
N GLY B 255 3.22 5.52 32.55
CA GLY B 255 1.88 5.45 33.14
C GLY B 255 1.76 4.29 34.11
N SER B 256 0.56 4.16 34.67
N SER B 256 0.56 4.18 34.66
CA SER B 256 0.28 3.05 35.58
CA SER B 256 0.23 3.04 35.52
C SER B 256 -0.01 1.80 34.75
C SER B 256 0.03 1.81 34.64
N LEU B 257 0.87 0.80 34.81
CA LEU B 257 0.82 -0.38 33.94
C LEU B 257 0.13 -1.59 34.56
N GLY B 258 -0.13 -1.55 35.86
CA GLY B 258 -0.81 -2.63 36.55
C GLY B 258 0.10 -3.25 37.60
N ALA B 259 -0.48 -4.24 38.30
CA ALA B 259 0.17 -4.84 39.47
C ALA B 259 1.26 -5.83 39.10
N ASP B 260 1.32 -6.27 37.84
CA ASP B 260 2.43 -7.10 37.38
C ASP B 260 2.52 -6.98 35.87
N GLU B 261 3.61 -7.52 35.33
CA GLU B 261 3.86 -7.38 33.88
C GLU B 261 2.78 -8.04 33.01
N SER B 262 2.05 -9.03 33.53
CA SER B 262 1.06 -9.71 32.71
C SER B 262 -0.21 -8.89 32.49
N LYS B 263 -0.40 -7.77 33.21
CA LYS B 263 -1.65 -7.03 33.05
C LYS B 263 -1.70 -6.28 31.72
N TRP B 264 -0.57 -5.82 31.20
CA TRP B 264 -0.54 -5.04 29.96
C TRP B 264 0.83 -5.06 29.28
N LEU B 265 1.91 -4.85 30.05
CA LEU B 265 3.23 -4.66 29.47
C LEU B 265 3.69 -5.86 28.64
N CYS B 266 3.72 -7.04 29.24
CA CYS B 266 4.20 -8.22 28.53
C CYS B 266 3.08 -9.08 27.97
N SER B 267 1.82 -8.71 28.21
N SER B 267 1.82 -8.61 28.04
CA SER B 267 0.77 -9.38 27.46
CA SER B 267 0.65 -9.36 27.59
C SER B 267 0.67 -8.56 26.19
C SER B 267 0.08 -8.84 26.27
N GLU B 268 -0.19 -7.53 26.18
CA GLU B 268 -0.59 -7.00 24.90
C GLU B 268 0.42 -6.02 24.31
N PHE B 269 1.12 -5.21 25.11
CA PHE B 269 2.09 -4.28 24.56
C PHE B 269 3.29 -5.00 23.93
N LYS B 270 3.99 -5.85 24.71
CA LYS B 270 5.11 -6.59 24.13
C LYS B 270 4.67 -7.47 22.98
N GLU B 271 3.46 -8.05 23.06
CA GLU B 271 2.98 -8.91 21.98
C GLU B 271 2.93 -8.18 20.64
N SER B 272 2.40 -6.97 20.62
CA SER B 272 2.42 -6.17 19.38
C SER B 272 3.84 -5.84 18.97
N MET B 273 4.70 -5.42 19.91
CA MET B 273 6.05 -5.03 19.57
C MET B 273 6.89 -6.19 19.06
N LEU B 274 6.56 -7.44 19.44
CA LEU B 274 7.27 -8.66 19.03
C LEU B 274 6.88 -9.12 17.63
N THR B 275 5.79 -8.60 17.10
CA THR B 275 5.25 -9.14 15.86
C THR B 275 6.21 -8.93 14.70
N LEU B 276 6.39 -9.97 13.87
CA LEU B 276 7.11 -9.82 12.61
C LEU B 276 6.50 -10.80 11.62
N GLY B 277 5.97 -10.24 10.53
CA GLY B 277 5.47 -11.07 9.46
C GLY B 277 4.15 -11.73 9.81
N LYS B 278 3.72 -12.61 8.91
CA LYS B 278 2.33 -13.05 8.94
C LYS B 278 2.12 -14.43 9.54
N GLU B 279 3.17 -15.12 9.99
CA GLU B 279 2.96 -16.43 10.60
C GLU B 279 2.35 -16.28 11.99
N SER B 280 1.66 -17.33 12.44
CA SER B 280 1.07 -17.32 13.76
C SER B 280 2.12 -17.74 14.77
N SER B 286 6.55 -15.60 25.95
CA SER B 286 7.61 -15.22 25.02
C SER B 286 8.97 -15.05 25.70
N SER B 287 10.00 -15.47 24.97
CA SER B 287 11.41 -15.39 25.34
C SER B 287 12.01 -13.99 25.21
N VAL B 288 11.34 -13.09 24.49
CA VAL B 288 12.06 -11.96 23.90
C VAL B 288 12.51 -11.00 25.00
N PRO B 289 13.79 -10.64 25.06
CA PRO B 289 14.24 -9.65 26.04
C PRO B 289 13.62 -8.29 25.81
N LEU B 290 13.24 -7.62 26.89
CA LEU B 290 12.65 -6.28 26.83
C LEU B 290 13.53 -5.31 27.59
N TYR B 291 14.05 -4.27 26.90
CA TYR B 291 14.93 -3.26 27.51
C TYR B 291 14.18 -1.94 27.51
N LEU B 292 14.00 -1.34 28.67
CA LEU B 292 13.32 -0.08 28.79
C LEU B 292 14.35 0.93 29.22
N ILE B 293 14.45 2.02 28.49
CA ILE B 293 15.47 3.06 28.77
C ILE B 293 14.75 4.26 29.33
N TYR B 294 15.13 4.69 30.55
CA TYR B 294 14.49 5.78 31.22
C TYR B 294 15.52 6.36 32.20
N PRO B 295 15.68 7.69 32.26
CA PRO B 295 16.75 8.26 33.11
C PRO B 295 16.63 7.90 34.58
N SER B 296 17.79 7.49 35.12
CA SER B 296 17.92 7.37 36.56
C SER B 296 18.03 8.73 37.20
N VAL B 297 17.87 8.73 38.53
CA VAL B 297 18.14 9.94 39.31
C VAL B 297 19.53 10.49 38.99
N GLU B 298 20.55 9.61 38.95
N GLU B 298 20.55 9.62 38.98
CA GLU B 298 21.92 10.06 38.71
CA GLU B 298 21.91 10.10 38.71
C GLU B 298 22.11 10.61 37.30
C GLU B 298 22.01 10.71 37.33
N ASN B 299 21.36 10.09 36.32
CA ASN B 299 21.39 10.68 34.98
C ASN B 299 20.88 12.12 35.02
N VAL B 300 19.73 12.33 35.69
CA VAL B 300 19.14 13.67 35.79
C VAL B 300 20.05 14.62 36.59
N ARG B 301 20.56 14.15 37.72
CA ARG B 301 21.30 15.03 38.62
C ARG B 301 22.56 15.60 37.96
N THR B 302 23.24 14.80 37.10
CA THR B 302 24.47 15.25 36.49
C THR B 302 24.26 15.74 35.03
N SER B 303 23.00 15.97 34.63
CA SER B 303 22.71 16.37 33.26
C SER B 303 23.10 17.85 33.03
N LEU B 304 22.98 18.31 31.78
CA LEU B 304 23.27 19.71 31.46
C LEU B 304 22.38 20.66 32.25
N GLU B 305 21.14 20.27 32.42
CA GLU B 305 20.16 21.09 33.13
C GLU B 305 20.14 20.83 34.63
N GLY B 306 20.65 19.69 35.07
CA GLY B 306 20.50 19.35 36.47
C GLY B 306 19.08 18.87 36.75
N TYR B 307 18.70 18.96 38.03
CA TYR B 307 17.41 18.45 38.46
C TYR B 307 16.26 19.04 37.66
N PRO B 308 16.28 20.31 37.23
CA PRO B 308 15.16 20.81 36.44
C PRO B 308 14.89 20.05 35.13
N ALA B 309 15.86 19.29 34.61
CA ALA B 309 15.54 18.39 33.48
C ALA B 309 14.43 17.44 33.89
N GLY B 310 14.37 17.12 35.18
CA GLY B 310 13.36 16.25 35.70
C GLY B 310 11.97 16.83 35.73
N GLY B 311 11.82 18.16 35.54
CA GLY B 311 10.47 18.70 35.37
C GLY B 311 9.78 18.22 34.10
N SER B 312 10.54 17.63 33.17
CA SER B 312 10.03 17.11 31.89
C SER B 312 10.08 15.59 31.83
N LEU B 313 10.23 14.94 33.01
CA LEU B 313 10.27 13.49 33.12
C LEU B 313 9.23 13.10 34.17
N PRO B 314 7.91 13.08 33.80
CA PRO B 314 6.87 13.15 34.87
C PRO B 314 6.35 11.84 35.42
N TYR B 315 7.22 11.08 36.06
CA TYR B 315 6.89 9.81 36.70
C TYR B 315 6.62 10.08 38.16
N SER B 316 5.40 9.79 38.60
CA SER B 316 4.98 10.20 39.93
C SER B 316 5.22 9.07 40.92
N ILE B 317 5.46 9.44 42.19
CA ILE B 317 5.68 8.41 43.21
C ILE B 317 4.43 7.59 43.41
N GLN B 318 3.26 8.21 43.27
CA GLN B 318 2.00 7.48 43.42
C GLN B 318 1.91 6.36 42.39
N THR B 319 2.32 6.62 41.15
CA THR B 319 2.32 5.59 40.12
C THR B 319 3.42 4.57 40.37
N ALA B 320 4.65 5.05 40.63
CA ALA B 320 5.79 4.14 40.75
C ALA B 320 5.65 3.15 41.91
N GLU B 321 5.15 3.59 43.07
CA GLU B 321 5.12 2.69 44.20
C GLU B 321 4.15 1.53 44.03
N LYS B 322 3.23 1.59 43.05
CA LYS B 322 2.35 0.47 42.72
C LYS B 322 2.96 -0.50 41.73
N GLN B 323 4.15 -0.23 41.19
CA GLN B 323 4.65 -1.09 40.12
C GLN B 323 6.17 -1.18 40.17
N ASN B 324 6.71 -1.46 41.37
CA ASN B 324 8.16 -1.61 41.52
C ASN B 324 8.71 -2.77 40.69
N TRP B 325 7.91 -3.79 40.40
CA TRP B 325 8.29 -4.82 39.42
C TRP B 325 8.85 -4.26 38.12
N LEU B 326 8.34 -3.13 37.67
CA LEU B 326 8.73 -2.59 36.36
C LEU B 326 10.19 -2.14 36.34
N HIS B 327 10.69 -1.65 37.46
CA HIS B 327 12.01 -1.02 37.41
C HIS B 327 13.14 -2.02 37.20
N SER B 328 12.90 -3.32 37.36
CA SER B 328 13.93 -4.30 36.98
C SER B 328 14.14 -4.39 35.45
N TYR B 329 13.28 -3.75 34.66
CA TYR B 329 13.48 -3.62 33.20
C TYR B 329 14.27 -2.37 32.82
N PHE B 330 14.59 -1.50 33.78
CA PHE B 330 15.03 -0.15 33.42
C PHE B 330 16.55 -0.12 33.20
N HIS B 331 16.94 0.62 32.17
CA HIS B 331 18.31 0.86 31.74
C HIS B 331 18.58 2.37 31.68
N LYS B 332 19.84 2.75 31.97
CA LYS B 332 20.25 4.15 32.05
C LYS B 332 20.15 4.83 30.68
N TRP B 333 20.03 6.17 30.71
CA TRP B 333 20.23 6.95 29.50
C TRP B 333 21.72 7.13 29.22
N SER B 334 22.15 6.74 28.04
CA SER B 334 23.53 6.90 27.62
C SER B 334 23.53 7.20 26.15
N ALA B 335 24.25 8.24 25.73
CA ALA B 335 24.19 8.65 24.33
C ALA B 335 25.55 9.21 23.92
N GLU B 336 26.62 8.47 24.25
CA GLU B 336 27.94 8.88 23.81
C GLU B 336 28.01 8.98 22.29
N THR B 337 27.28 8.12 21.57
CA THR B 337 27.32 8.14 20.11
C THR B 337 26.98 9.50 19.52
N SER B 338 26.09 10.25 20.19
CA SER B 338 25.64 11.54 19.71
C SER B 338 26.05 12.67 20.67
N GLY B 339 26.94 12.37 21.60
CA GLY B 339 27.43 13.39 22.53
C GLY B 339 26.36 13.89 23.48
N ARG B 340 25.31 13.10 23.70
CA ARG B 340 24.11 13.57 24.38
C ARG B 340 23.83 12.84 25.71
N SER B 341 24.81 12.17 26.32
CA SER B 341 24.50 11.49 27.59
C SER B 341 24.02 12.44 28.64
N ASN B 342 24.38 13.73 28.56
CA ASN B 342 23.93 14.71 29.57
C ASN B 342 22.74 15.56 29.09
N ALA B 343 22.21 15.29 27.88
CA ALA B 343 21.06 16.01 27.36
C ALA B 343 19.87 15.05 27.60
N MET B 344 19.05 15.33 28.63
CA MET B 344 18.07 14.32 29.00
C MET B 344 17.06 14.13 27.87
N PRO B 345 16.56 12.90 27.72
CA PRO B 345 15.69 12.57 26.59
C PRO B 345 14.26 13.08 26.77
N HIS B 346 13.77 13.81 25.76
CA HIS B 346 12.32 14.00 25.62
C HIS B 346 11.83 13.34 24.33
N ILE B 347 12.76 12.80 23.55
CA ILE B 347 12.42 11.90 22.44
C ILE B 347 11.81 10.61 23.00
N LYS B 348 10.96 9.94 22.18
CA LYS B 348 10.51 8.57 22.54
C LYS B 348 10.76 7.72 21.32
N THR B 349 11.37 6.56 21.55
CA THR B 349 11.69 5.66 20.45
C THR B 349 11.47 4.25 20.87
N TYR B 350 11.18 3.40 19.86
CA TYR B 350 11.00 1.97 20.05
C TYR B 350 11.69 1.29 18.87
N MET B 351 12.34 0.14 19.11
CA MET B 351 13.02 -0.50 17.99
C MET B 351 13.29 -1.95 18.32
N ARG B 352 13.74 -2.69 17.30
CA ARG B 352 13.91 -4.12 17.39
C ARG B 352 15.32 -4.48 16.93
N PRO B 353 16.29 -4.39 17.80
CA PRO B 353 17.68 -4.73 17.41
C PRO B 353 17.93 -6.22 17.30
N SER B 354 19.06 -6.57 16.62
CA SER B 354 19.54 -7.95 16.55
C SER B 354 20.23 -8.31 17.88
N PRO B 355 20.52 -9.59 18.12
CA PRO B 355 21.04 -9.98 19.46
C PRO B 355 22.36 -9.32 19.79
N ASP B 356 23.17 -8.95 18.79
CA ASP B 356 24.39 -8.23 19.09
C ASP B 356 24.27 -6.74 18.83
N PHE B 357 23.04 -6.24 18.63
CA PHE B 357 22.76 -4.83 18.47
C PHE B 357 23.45 -4.17 17.28
N SER B 358 23.82 -4.93 16.25
CA SER B 358 24.47 -4.29 15.12
C SER B 358 23.50 -4.02 14.00
N LYS B 359 22.29 -4.54 14.09
CA LYS B 359 21.26 -4.34 13.07
C LYS B 359 19.97 -4.05 13.80
N ILE B 360 18.99 -3.48 13.07
CA ILE B 360 17.65 -3.32 13.63
C ILE B 360 16.63 -3.71 12.57
N ALA B 361 15.55 -4.33 13.04
CA ALA B 361 14.48 -4.73 12.11
C ALA B 361 13.48 -3.60 11.84
N TRP B 362 13.42 -2.59 12.68
CA TRP B 362 12.57 -1.43 12.51
C TRP B 362 12.88 -0.42 13.61
N PHE B 363 12.47 0.82 13.39
CA PHE B 363 12.72 1.93 14.33
C PHE B 363 11.51 2.84 14.27
N LEU B 364 11.01 3.24 15.43
CA LEU B 364 9.85 4.15 15.55
C LEU B 364 10.26 5.35 16.39
N VAL B 365 9.98 6.56 15.90
N VAL B 365 10.04 6.57 15.87
CA VAL B 365 10.11 7.77 16.74
CA VAL B 365 10.07 7.80 16.68
C VAL B 365 8.72 8.36 16.89
C VAL B 365 8.63 8.19 16.92
N THR B 366 8.35 8.74 18.10
CA THR B 366 6.96 9.08 18.37
C THR B 366 6.89 10.01 19.57
N SER B 367 5.68 10.56 19.74
CA SER B 367 5.34 11.24 20.98
C SER B 367 4.87 10.29 22.10
N ALA B 368 4.63 9.01 21.81
CA ALA B 368 4.02 8.07 22.74
C ALA B 368 4.99 7.56 23.80
N ASN B 369 4.68 7.90 25.06
CA ASN B 369 5.40 7.39 26.23
C ASN B 369 4.89 6.01 26.54
N LEU B 370 5.43 5.46 27.64
CA LEU B 370 5.11 4.08 28.02
C LEU B 370 3.84 4.10 28.86
N SER B 371 2.70 4.17 28.20
CA SER B 371 1.43 4.26 28.90
C SER B 371 0.30 3.66 28.09
N LYS B 372 -0.68 3.11 28.81
CA LYS B 372 -1.93 2.67 28.18
C LYS B 372 -2.68 3.83 27.52
N ALA B 373 -2.57 5.04 28.07
CA ALA B 373 -3.34 6.16 27.51
C ALA B 373 -2.89 6.45 26.09
N ALA B 374 -1.59 6.32 25.87
CA ALA B 374 -0.95 6.60 24.58
C ALA B 374 -1.11 5.46 23.57
N TRP B 375 -0.88 4.24 24.00
CA TRP B 375 -0.79 3.08 23.10
C TRP B 375 -2.10 2.31 22.98
N GLY B 376 -3.00 2.47 23.94
CA GLY B 376 -4.24 1.72 23.95
C GLY B 376 -4.20 0.53 24.88
N ALA B 377 -5.37 0.22 25.45
CA ALA B 377 -5.60 -0.96 26.27
C ALA B 377 -6.90 -1.65 25.87
N LEU B 378 -6.83 -2.97 25.75
CA LEU B 378 -8.02 -3.74 25.40
C LEU B 378 -9.03 -3.72 26.53
N GLU B 379 -10.31 -3.74 26.15
CA GLU B 379 -11.43 -3.92 27.07
C GLU B 379 -12.43 -4.88 26.43
N LYS B 380 -13.41 -5.29 27.23
CA LYS B 380 -14.53 -6.12 26.76
C LYS B 380 -14.03 -7.46 26.19
N ASN B 381 -13.29 -8.19 27.04
CA ASN B 381 -12.60 -9.43 26.68
C ASN B 381 -12.02 -9.34 25.27
N GLY B 382 -11.20 -8.32 25.04
CA GLY B 382 -10.43 -8.22 23.82
C GLY B 382 -11.15 -7.59 22.64
N THR B 383 -12.40 -7.16 22.80
CA THR B 383 -13.19 -6.66 21.67
C THR B 383 -12.76 -5.28 21.24
N GLN B 384 -12.36 -4.47 22.21
CA GLN B 384 -12.38 -3.03 22.10
C GLN B 384 -11.03 -2.50 22.54
N LEU B 385 -10.44 -1.64 21.73
CA LEU B 385 -9.17 -0.99 22.08
C LEU B 385 -9.47 0.42 22.51
N MET B 386 -9.15 0.75 23.76
CA MET B 386 -9.46 2.08 24.26
C MET B 386 -8.18 2.90 24.30
N ILE B 387 -8.23 4.07 23.66
CA ILE B 387 -7.13 5.04 23.64
C ILE B 387 -7.63 6.36 24.23
N ARG B 388 -6.80 6.99 25.08
CA ARG B 388 -7.23 8.25 25.70
C ARG B 388 -6.74 9.50 24.98
N SER B 389 -5.60 9.40 24.29
CA SER B 389 -4.79 10.54 23.88
C SER B 389 -4.57 10.61 22.37
N TYR B 390 -4.17 11.79 21.89
CA TYR B 390 -3.59 11.94 20.53
C TYR B 390 -2.10 11.76 20.65
N GLU B 391 -1.55 10.90 19.79
CA GLU B 391 -0.10 10.70 19.71
C GLU B 391 0.23 10.50 18.23
N LEU B 392 1.49 10.74 17.89
CA LEU B 392 1.87 10.53 16.49
C LEU B 392 3.36 10.23 16.37
N GLY B 393 3.68 9.27 15.48
CA GLY B 393 5.07 8.94 15.19
C GLY B 393 5.20 8.38 13.78
N VAL B 394 6.46 8.13 13.38
CA VAL B 394 6.75 7.53 12.08
C VAL B 394 7.59 6.29 12.29
N LEU B 395 7.30 5.29 11.48
CA LEU B 395 7.96 3.99 11.55
C LEU B 395 8.83 3.82 10.32
N PHE B 396 10.11 3.46 10.56
CA PHE B 396 11.06 3.09 9.52
C PHE B 396 11.10 1.58 9.45
N LEU B 397 10.70 1.02 8.28
CA LEU B 397 10.83 -0.40 8.02
C LEU B 397 11.80 -0.66 6.89
N PRO B 398 12.70 -1.65 7.02
CA PRO B 398 13.69 -1.88 5.96
C PRO B 398 13.04 -2.11 4.59
N SER B 399 11.92 -2.80 4.53
CA SER B 399 11.27 -3.07 3.23
C SER B 399 10.92 -1.77 2.47
N ALA B 400 10.59 -0.72 3.19
CA ALA B 400 10.26 0.54 2.52
C ALA B 400 11.47 1.19 1.90
N PHE B 401 12.68 0.68 2.23
CA PHE B 401 13.94 1.17 1.69
C PHE B 401 14.62 0.16 0.79
N GLY B 402 13.95 -0.95 0.46
CA GLY B 402 14.54 -2.04 -0.31
C GLY B 402 15.58 -2.85 0.45
N LEU B 403 15.48 -2.91 1.77
CA LEU B 403 16.43 -3.59 2.65
C LEU B 403 15.76 -4.70 3.44
N ASP B 404 16.60 -5.66 3.88
CA ASP B 404 16.16 -6.67 4.81
C ASP B 404 16.28 -6.23 6.26
N SER B 405 17.24 -5.37 6.61
CA SER B 405 17.43 -4.84 7.95
C SER B 405 18.19 -3.53 7.76
N PHE B 406 18.27 -2.75 8.82
CA PHE B 406 19.14 -1.58 8.85
C PHE B 406 20.39 -1.91 9.65
N LYS B 407 21.54 -1.54 9.11
N LYS B 407 21.56 -1.54 9.14
CA LYS B 407 22.73 -1.46 9.97
CA LYS B 407 22.75 -1.54 9.99
C LYS B 407 22.60 -0.29 10.93
C LYS B 407 22.75 -0.30 10.87
N VAL B 408 23.13 -0.46 12.16
CA VAL B 408 23.15 0.65 13.11
C VAL B 408 24.39 1.50 12.84
N LYS B 409 24.20 2.80 12.73
CA LYS B 409 25.30 3.74 12.54
C LYS B 409 26.18 3.77 13.81
N GLN B 410 27.47 3.60 13.62
CA GLN B 410 28.34 3.43 14.79
C GLN B 410 28.51 4.74 15.57
N LYS B 411 28.74 5.83 14.87
CA LYS B 411 28.77 7.15 15.48
C LYS B 411 27.75 8.04 14.78
N PHE B 412 26.87 8.67 15.57
CA PHE B 412 25.65 9.29 15.04
C PHE B 412 25.97 10.35 13.97
N PHE B 413 27.06 11.11 14.16
CA PHE B 413 27.44 12.21 13.29
C PHE B 413 28.67 11.86 12.43
N ALA B 414 29.01 10.58 12.35
CA ALA B 414 30.11 10.12 11.49
C ALA B 414 29.68 10.11 10.02
N GLU B 418 27.83 2.75 3.94
CA GLU B 418 26.69 3.00 3.05
C GLU B 418 25.56 3.64 3.86
N PRO B 419 25.45 4.97 3.76
CA PRO B 419 24.40 5.67 4.53
C PRO B 419 22.99 5.28 4.15
N MET B 420 22.76 4.82 2.93
CA MET B 420 21.41 4.41 2.53
C MET B 420 20.97 3.13 3.19
N ALA B 421 21.90 2.46 3.90
CA ALA B 421 21.60 1.22 4.57
C ALA B 421 21.78 1.29 6.09
N THR B 422 22.16 2.49 6.63
CA THR B 422 22.75 2.66 7.97
C THR B 422 21.93 3.66 8.82
N PHE B 423 21.28 3.16 9.89
CA PHE B 423 20.29 3.98 10.54
C PHE B 423 20.86 4.70 11.73
N PRO B 424 20.61 5.97 11.89
CA PRO B 424 21.27 6.71 12.95
C PRO B 424 20.55 6.58 14.29
N VAL B 425 20.86 5.55 15.05
CA VAL B 425 20.27 5.40 16.39
C VAL B 425 20.92 6.42 17.33
N PRO B 426 20.14 7.23 18.04
CA PRO B 426 20.73 8.38 18.77
C PRO B 426 21.29 8.07 20.14
N TYR B 427 21.16 6.85 20.67
CA TYR B 427 21.70 6.51 21.98
C TYR B 427 22.46 5.19 21.87
N ASP B 428 23.17 4.86 22.95
CA ASP B 428 24.17 3.80 22.92
C ASP B 428 23.54 2.44 23.06
N LEU B 429 24.13 1.47 22.33
CA LEU B 429 23.70 0.08 22.43
C LEU B 429 24.91 -0.78 22.76
N PRO B 430 24.71 -1.86 23.54
CA PRO B 430 23.48 -2.28 24.22
C PRO B 430 23.22 -1.27 25.36
N PRO B 431 21.97 -1.15 25.74
CA PRO B 431 21.62 -0.31 26.90
C PRO B 431 22.18 -0.92 28.16
N GLU B 432 22.53 -0.04 29.12
CA GLU B 432 23.16 -0.44 30.39
C GLU B 432 22.12 -0.54 31.51
N LEU B 433 22.08 -1.70 32.17
CA LEU B 433 21.11 -1.88 33.24
C LEU B 433 21.39 -0.93 34.40
N TYR B 434 20.32 -0.41 35.03
CA TYR B 434 20.50 0.27 36.32
C TYR B 434 21.37 -0.56 37.26
N GLY B 435 22.25 0.13 37.98
CA GLY B 435 22.98 -0.48 39.08
C GLY B 435 22.09 -0.59 40.31
N SER B 436 22.59 -1.29 41.31
CA SER B 436 21.73 -1.62 42.44
C SER B 436 21.40 -0.39 43.26
N LYS B 437 22.21 0.68 43.17
CA LYS B 437 21.92 1.91 43.90
C LYS B 437 21.17 2.91 43.04
N ASP B 438 20.93 2.59 41.76
CA ASP B 438 20.20 3.51 40.92
C ASP B 438 18.72 3.41 41.19
N ARG B 439 18.00 4.49 40.95
CA ARG B 439 16.55 4.55 41.07
C ARG B 439 16.01 5.29 39.87
N PRO B 440 14.77 5.01 39.44
CA PRO B 440 14.22 5.80 38.32
C PRO B 440 14.01 7.21 38.79
N TRP B 441 14.18 8.16 37.85
CA TRP B 441 13.78 9.53 38.17
C TRP B 441 12.27 9.59 38.48
N ILE B 442 11.93 10.11 39.66
CA ILE B 442 10.55 10.29 40.10
C ILE B 442 10.41 11.78 40.40
N TRP B 443 9.48 12.44 39.72
CA TRP B 443 9.59 13.90 39.65
C TRP B 443 9.03 14.62 40.86
N ASN B 444 8.25 13.95 41.71
CA ASN B 444 7.54 14.67 42.76
C ASN B 444 7.91 14.21 44.16
N ILE B 445 9.18 13.84 44.33
CA ILE B 445 9.78 13.58 45.64
C ILE B 445 11.05 14.41 45.69
N PRO B 446 11.52 14.77 46.87
CA PRO B 446 12.69 15.65 46.93
C PRO B 446 13.99 14.89 46.77
N TYR B 447 14.98 15.61 46.26
CA TYR B 447 16.36 15.10 46.16
C TYR B 447 17.24 16.15 46.83
N VAL B 448 17.60 15.89 48.09
CA VAL B 448 18.26 16.91 48.92
C VAL B 448 19.58 16.45 49.51
N LYS B 449 20.06 15.26 49.18
CA LYS B 449 21.31 14.81 49.75
C LYS B 449 22.51 15.11 48.85
N ALA B 450 22.31 15.26 47.53
CA ALA B 450 23.41 15.49 46.61
C ALA B 450 22.99 16.61 45.67
N PRO B 451 23.76 17.67 45.53
CA PRO B 451 23.41 18.74 44.62
C PRO B 451 23.62 18.29 43.17
N ASP B 452 22.99 19.03 42.28
CA ASP B 452 23.08 18.72 40.84
C ASP B 452 24.20 19.53 40.20
N THR B 453 24.25 19.47 38.87
CA THR B 453 25.25 20.19 38.07
C THR B 453 25.41 21.64 38.44
N HIS B 454 24.35 22.29 38.89
CA HIS B 454 24.35 23.72 39.14
C HIS B 454 24.34 24.00 40.63
N GLY B 455 24.65 22.99 41.43
CA GLY B 455 24.75 23.19 42.89
C GLY B 455 23.42 23.27 43.59
N ASN B 456 22.34 22.78 42.98
CA ASN B 456 20.98 22.92 43.48
C ASN B 456 20.38 21.60 43.93
N MET B 457 19.44 21.70 44.86
N MET B 457 19.38 21.73 44.79
CA MET B 457 18.62 20.54 45.25
CA MET B 457 18.55 20.62 45.23
C MET B 457 17.27 20.63 44.53
C MET B 457 17.25 20.62 44.47
N TRP B 458 16.49 19.55 44.64
CA TRP B 458 15.17 19.44 44.02
C TRP B 458 14.12 19.25 45.11
N VAL B 459 13.21 20.21 45.22
CA VAL B 459 12.21 20.15 46.28
C VAL B 459 10.87 20.49 45.69
N PRO B 460 10.13 19.55 45.11
CA PRO B 460 8.80 19.77 44.56
C PRO B 460 7.89 20.32 45.66
#